data_7UBB
#
_entry.id   7UBB
#
_cell.length_a   1.00
_cell.length_b   1.00
_cell.length_c   1.00
_cell.angle_alpha   90.00
_cell.angle_beta   90.00
_cell.angle_gamma   90.00
#
_symmetry.space_group_name_H-M   'P 1'
#
_entity_poly.entity_id   1
_entity_poly.type   'polypeptide(L)'
_entity_poly.pdbx_seq_one_letter_code
;GSHMATNDELKNQLANKQNGGQVASAQSLDLKGLLEAPTMRKKFEKVLDKKAPQFLTSLLNLYNGDDYLQKTDPMTVVTS
AMVAATLDLPIDKNLGYAWIVPYKGRAQFQLGYKGYIQLALRTGQYKSINVIEVREGELLKWNRLTEEIELDLDNNTSEK
VVGYCGYFQLINGFEKTVYWTRKEIEAHKQKFSKSDFGWKKDYDAMAKKTVLRNMLSKWGILSIDMQTAVTEDEAEPRER
KDVTDDESIPDIIDAPVTPSDTLEAGSVVQGSMI
;
_entity_poly.pdbx_strand_id   C,D,E,F,G,H,I,J
#
# COMPACT_ATOMS: atom_id res chain seq x y z
N TYR A 113 38.40 -1.62 -27.02
CA TYR A 113 38.84 -0.37 -26.40
C TYR A 113 37.80 0.14 -25.41
N LYS A 114 36.53 -0.10 -25.73
CA LYS A 114 35.45 0.38 -24.88
C LYS A 114 35.60 -0.13 -23.45
N GLY A 115 36.18 -1.32 -23.28
CA GLY A 115 36.52 -1.78 -21.94
C GLY A 115 37.57 -0.89 -21.28
N TYR A 116 38.55 -0.44 -22.05
CA TYR A 116 39.56 0.46 -21.51
C TYR A 116 38.95 1.79 -21.08
N ILE A 117 38.06 2.35 -21.90
CA ILE A 117 37.39 3.59 -21.50
C ILE A 117 36.50 3.34 -20.28
N GLN A 118 35.84 2.18 -20.21
CA GLN A 118 35.02 1.86 -19.05
C GLN A 118 35.86 1.81 -17.78
N LEU A 119 37.02 1.15 -17.84
CA LEU A 119 37.91 1.10 -16.69
C LEU A 119 38.44 2.48 -16.33
N ALA A 120 38.74 3.30 -17.33
CA ALA A 120 39.22 4.65 -17.06
C ALA A 120 38.17 5.48 -16.34
N LEU A 121 36.92 5.39 -16.78
CA LEU A 121 35.84 6.11 -16.11
C LEU A 121 35.62 5.57 -14.69
N ARG A 122 35.67 4.24 -14.52
CA ARG A 122 35.49 3.67 -13.20
C ARG A 122 36.66 3.98 -12.26
N THR A 123 37.82 4.35 -12.82
CA THR A 123 38.95 4.73 -11.98
C THR A 123 38.64 5.98 -11.16
N GLY A 124 38.14 7.02 -11.83
CA GLY A 124 37.71 8.23 -11.16
C GLY A 124 38.79 9.08 -10.52
N GLN A 125 39.97 9.16 -11.14
CA GLN A 125 41.00 10.09 -10.69
C GLN A 125 41.56 10.94 -11.83
N TYR A 126 40.91 10.96 -13.00
CA TYR A 126 41.36 11.79 -14.10
C TYR A 126 40.61 13.11 -14.13
N LYS A 127 41.19 14.09 -14.80
CA LYS A 127 40.59 15.42 -14.89
C LYS A 127 40.13 15.76 -16.30
N SER A 128 40.99 15.60 -17.31
CA SER A 128 40.61 15.92 -18.68
C SER A 128 41.39 15.06 -19.64
N ILE A 129 40.75 14.72 -20.76
CA ILE A 129 41.38 13.96 -21.83
C ILE A 129 40.85 14.48 -23.16
N ASN A 130 41.72 14.57 -24.16
CA ASN A 130 41.33 15.07 -25.47
C ASN A 130 42.26 14.50 -26.52
N VAL A 131 41.70 14.17 -27.67
CA VAL A 131 42.46 13.74 -28.85
C VAL A 131 41.94 14.49 -30.06
N ILE A 132 42.85 15.09 -30.82
CA ILE A 132 42.51 15.90 -31.99
C ILE A 132 43.45 15.55 -33.13
N GLU A 133 43.17 16.14 -34.29
CA GLU A 133 44.00 15.99 -35.47
C GLU A 133 44.55 17.36 -35.88
N VAL A 134 45.84 17.40 -36.18
CA VAL A 134 46.51 18.61 -36.63
C VAL A 134 46.68 18.54 -38.13
N ARG A 135 46.19 19.55 -38.83
CA ARG A 135 46.17 19.59 -40.29
C ARG A 135 47.28 20.52 -40.77
N GLU A 136 47.61 20.40 -42.06
CA GLU A 136 48.78 21.06 -42.62
C GLU A 136 48.78 22.56 -42.34
N GLY A 137 49.92 23.08 -41.91
CA GLY A 137 50.08 24.49 -41.63
C GLY A 137 49.25 25.00 -40.47
N GLU A 138 49.22 24.26 -39.36
CA GLU A 138 48.44 24.63 -38.20
C GLU A 138 49.29 24.94 -36.98
N LEU A 139 50.15 24.00 -36.58
CA LEU A 139 51.05 24.22 -35.45
C LEU A 139 52.27 25.01 -35.88
N LEU A 140 53.07 25.44 -34.90
CA LEU A 140 54.29 26.19 -35.17
C LEU A 140 55.54 25.31 -35.07
N LYS A 141 55.75 24.68 -33.91
CA LYS A 141 56.91 23.84 -33.71
C LYS A 141 56.65 22.91 -32.52
N TRP A 142 57.13 21.67 -32.63
CA TRP A 142 56.94 20.67 -31.59
C TRP A 142 58.29 20.17 -31.11
N ASN A 143 58.41 19.96 -29.80
CA ASN A 143 59.61 19.43 -29.19
C ASN A 143 59.34 18.02 -28.68
N ARG A 144 60.21 17.08 -29.08
CA ARG A 144 60.08 15.69 -28.67
C ARG A 144 60.77 15.39 -27.35
N LEU A 145 61.50 16.35 -26.78
CA LEU A 145 62.19 16.16 -25.52
C LEU A 145 61.42 16.76 -24.34
N THR A 146 61.11 18.05 -24.41
CA THR A 146 60.41 18.75 -23.34
C THR A 146 58.90 18.81 -23.57
N GLU A 147 58.39 18.18 -24.63
CA GLU A 147 56.97 18.18 -24.96
C GLU A 147 56.42 19.60 -25.08
N GLU A 148 57.19 20.45 -25.77
CA GLU A 148 56.80 21.84 -26.00
C GLU A 148 56.10 21.93 -27.35
N ILE A 149 54.84 22.36 -27.34
CA ILE A 149 54.04 22.48 -28.55
C ILE A 149 53.24 23.77 -28.49
N GLU A 150 53.19 24.48 -29.61
CA GLU A 150 52.37 25.68 -29.72
C GLU A 150 51.66 25.67 -31.07
N LEU A 151 50.42 26.12 -31.06
CA LEU A 151 49.54 26.02 -32.23
C LEU A 151 48.77 27.32 -32.40
N ASP A 152 48.63 27.76 -33.65
CA ASP A 152 47.86 28.95 -33.99
C ASP A 152 46.64 28.53 -34.79
N LEU A 153 45.47 28.95 -34.33
CA LEU A 153 44.22 28.57 -34.95
C LEU A 153 43.88 29.52 -36.11
N ASP A 154 42.81 29.16 -36.84
CA ASP A 154 42.26 29.87 -38.00
C ASP A 154 43.30 30.58 -38.86
N ASN A 155 44.40 29.89 -39.16
CA ASN A 155 45.39 30.39 -40.10
C ASN A 155 45.92 29.18 -40.87
N ASN A 156 45.31 28.89 -42.02
CA ASN A 156 45.57 27.66 -42.74
C ASN A 156 44.97 27.77 -44.14
N THR A 157 45.51 26.96 -45.06
CA THR A 157 45.14 27.04 -46.47
C THR A 157 44.73 25.70 -47.06
N SER A 158 45.24 24.59 -46.55
CA SER A 158 44.99 23.28 -47.13
C SER A 158 43.78 22.62 -46.46
N GLU A 159 43.45 21.42 -46.93
CA GLU A 159 42.31 20.65 -46.41
C GLU A 159 42.69 19.19 -46.17
N LYS A 160 43.98 18.91 -46.04
CA LYS A 160 44.47 17.55 -45.84
C LYS A 160 45.21 17.48 -44.51
N VAL A 161 44.78 16.57 -43.64
CA VAL A 161 45.39 16.44 -42.33
C VAL A 161 46.78 15.85 -42.46
N VAL A 162 47.65 16.17 -41.48
CA VAL A 162 49.02 15.69 -41.51
C VAL A 162 49.42 14.92 -40.24
N GLY A 163 48.73 15.09 -39.11
CA GLY A 163 49.13 14.36 -37.92
C GLY A 163 48.01 14.34 -36.90
N TYR A 164 48.27 13.64 -35.80
CA TYR A 164 47.32 13.52 -34.70
C TYR A 164 48.01 13.85 -33.39
N CYS A 165 47.23 14.36 -32.44
CA CYS A 165 47.76 14.77 -31.15
C CYS A 165 46.77 14.41 -30.05
N GLY A 166 47.28 14.32 -28.83
CA GLY A 166 46.47 13.99 -27.68
C GLY A 166 47.04 14.59 -26.41
N TYR A 167 46.15 15.12 -25.58
CA TYR A 167 46.50 15.75 -24.31
C TYR A 167 45.69 15.12 -23.19
N PHE A 168 46.37 14.68 -22.14
CA PHE A 168 45.69 14.03 -21.03
C PHE A 168 46.25 14.54 -19.71
N GLN A 169 45.38 15.11 -18.88
CA GLN A 169 45.80 15.75 -17.63
C GLN A 169 44.97 15.19 -16.48
N LEU A 170 45.64 14.93 -15.36
CA LEU A 170 45.03 14.32 -14.18
C LEU A 170 44.59 15.40 -13.20
N ILE A 171 43.92 14.95 -12.13
CA ILE A 171 43.44 15.85 -11.09
C ILE A 171 44.57 16.37 -10.20
N ASN A 172 45.73 15.72 -10.22
CA ASN A 172 46.85 16.12 -9.39
C ASN A 172 47.80 17.10 -10.09
N GLY A 173 47.48 17.52 -11.31
CA GLY A 173 48.30 18.46 -12.05
C GLY A 173 49.20 17.83 -13.09
N PHE A 174 49.35 16.50 -13.07
CA PHE A 174 50.20 15.84 -14.06
C PHE A 174 49.53 15.87 -15.43
N GLU A 175 50.32 16.18 -16.46
CA GLU A 175 49.83 16.26 -17.82
C GLU A 175 50.77 15.51 -18.76
N LYS A 176 50.23 15.07 -19.89
CA LYS A 176 51.00 14.31 -20.88
C LYS A 176 50.50 14.65 -22.27
N THR A 177 51.44 14.81 -23.20
CA THR A 177 51.15 15.11 -24.59
C THR A 177 51.76 14.05 -25.48
N VAL A 178 51.01 13.63 -26.50
CA VAL A 178 51.48 12.67 -27.48
C VAL A 178 51.15 13.18 -28.88
N TYR A 179 52.11 13.04 -29.80
CA TYR A 179 51.90 13.51 -31.17
C TYR A 179 52.48 12.49 -32.13
N TRP A 180 51.69 12.14 -33.15
CA TRP A 180 52.08 11.15 -34.14
C TRP A 180 51.83 11.70 -35.54
N THR A 181 52.58 11.16 -36.50
CA THR A 181 52.47 11.53 -37.91
C THR A 181 52.03 10.31 -38.72
N ARG A 182 52.04 10.45 -40.05
CA ARG A 182 51.57 9.38 -40.92
C ARG A 182 52.57 8.23 -41.03
N LYS A 183 53.87 8.51 -40.88
CA LYS A 183 54.87 7.47 -41.06
C LYS A 183 54.73 6.36 -40.02
N GLU A 184 54.58 6.75 -38.75
CA GLU A 184 54.44 5.74 -37.70
C GLU A 184 53.16 4.94 -37.86
N ILE A 185 52.06 5.60 -38.22
CA ILE A 185 50.79 4.89 -38.34
C ILE A 185 50.82 3.94 -39.54
N GLU A 186 51.48 4.32 -40.64
CA GLU A 186 51.56 3.41 -41.77
C GLU A 186 52.48 2.24 -41.47
N ALA A 187 53.57 2.49 -40.74
CA ALA A 187 54.41 1.38 -40.30
C ALA A 187 53.63 0.43 -39.39
N HIS A 188 52.83 0.99 -38.48
CA HIS A 188 52.06 0.15 -37.57
C HIS A 188 51.01 -0.67 -38.32
N LYS A 189 50.33 -0.06 -39.30
CA LYS A 189 49.33 -0.82 -40.04
C LYS A 189 49.99 -1.88 -40.92
N GLN A 190 51.20 -1.64 -41.41
CA GLN A 190 51.84 -2.62 -42.27
C GLN A 190 52.55 -3.73 -41.49
N LYS A 191 52.84 -3.54 -40.20
CA LYS A 191 53.47 -4.61 -39.44
C LYS A 191 52.55 -5.32 -38.46
N PHE A 192 51.46 -4.68 -38.04
CA PHE A 192 50.57 -5.26 -37.03
C PHE A 192 49.18 -5.55 -37.55
N SER A 193 48.56 -4.60 -38.26
CA SER A 193 47.20 -4.77 -38.71
C SER A 193 47.09 -5.88 -39.75
N LYS A 194 45.98 -6.60 -39.71
CA LYS A 194 45.71 -7.70 -40.63
C LYS A 194 44.38 -7.56 -41.34
N SER A 195 43.71 -6.42 -41.19
CA SER A 195 42.41 -6.19 -41.83
C SER A 195 42.46 -4.90 -42.63
N ASP A 196 41.69 -4.86 -43.72
CA ASP A 196 41.69 -3.71 -44.61
C ASP A 196 40.30 -3.30 -45.08
N PHE A 197 39.24 -3.95 -44.63
CA PHE A 197 37.91 -3.62 -45.14
C PHE A 197 37.46 -2.23 -44.66
N GLY A 198 37.81 -1.86 -43.44
CA GLY A 198 37.40 -0.56 -42.92
C GLY A 198 38.29 0.59 -43.32
N TRP A 199 39.48 0.30 -43.86
CA TRP A 199 40.40 1.38 -44.21
C TRP A 199 39.91 2.18 -45.41
N LYS A 200 39.17 1.53 -46.31
CA LYS A 200 38.66 2.25 -47.48
C LYS A 200 37.46 3.12 -47.12
N LYS A 201 36.63 2.69 -46.15
CA LYS A 201 35.46 3.47 -45.78
C LYS A 201 35.86 4.77 -45.09
N ASP A 202 36.80 4.71 -44.16
CA ASP A 202 37.31 5.89 -43.47
C ASP A 202 38.78 5.69 -43.19
N TYR A 203 39.48 6.80 -42.93
CA TYR A 203 40.92 6.79 -42.76
C TYR A 203 41.38 7.17 -41.36
N ASP A 204 40.58 7.90 -40.60
CA ASP A 204 41.03 8.47 -39.35
C ASP A 204 40.50 7.78 -38.10
N ALA A 205 39.28 7.24 -38.14
CA ALA A 205 38.64 6.76 -36.92
C ALA A 205 39.43 5.63 -36.26
N MET A 206 39.87 4.66 -37.07
CA MET A 206 40.65 3.55 -36.51
C MET A 206 42.03 4.01 -36.05
N ALA A 207 42.61 5.01 -36.72
CA ALA A 207 43.86 5.57 -36.22
C ALA A 207 43.66 6.19 -34.84
N LYS A 208 42.56 6.92 -34.67
CA LYS A 208 42.27 7.50 -33.36
C LYS A 208 42.06 6.43 -32.31
N LYS A 209 41.33 5.35 -32.65
CA LYS A 209 41.08 4.31 -31.65
C LYS A 209 42.38 3.61 -31.26
N THR A 210 43.28 3.40 -32.22
CA THR A 210 44.58 2.83 -31.88
C THR A 210 45.38 3.77 -30.98
N VAL A 211 45.34 5.07 -31.27
CA VAL A 211 46.05 6.04 -30.43
C VAL A 211 45.52 5.97 -29.00
N LEU A 212 44.19 5.97 -28.86
CA LEU A 212 43.59 5.90 -27.52
C LEU A 212 43.96 4.62 -26.81
N ARG A 213 43.86 3.47 -27.49
CA ARG A 213 44.13 2.22 -26.80
C ARG A 213 45.58 2.12 -26.36
N ASN A 214 46.53 2.54 -27.22
CA ASN A 214 47.94 2.51 -26.82
C ASN A 214 48.24 3.47 -25.68
N MET A 215 47.71 4.71 -25.74
CA MET A 215 48.01 5.68 -24.71
C MET A 215 47.39 5.28 -23.37
N LEU A 216 46.18 4.71 -23.40
CA LEU A 216 45.59 4.18 -22.18
C LEU A 216 46.37 2.96 -21.67
N SER A 217 46.93 2.17 -22.59
CA SER A 217 47.56 0.92 -22.20
C SER A 217 48.89 1.15 -21.50
N LYS A 218 49.82 1.85 -22.16
CA LYS A 218 51.20 1.76 -21.70
C LYS A 218 51.52 2.82 -20.63
N TRP A 219 50.79 3.95 -20.63
CA TRP A 219 50.84 4.88 -19.51
C TRP A 219 49.66 4.74 -18.54
N GLY A 220 48.44 4.58 -19.04
CA GLY A 220 47.27 4.76 -18.20
C GLY A 220 47.17 3.74 -17.08
N ILE A 221 46.66 4.19 -15.94
CA ILE A 221 46.44 3.33 -14.79
C ILE A 221 45.07 2.68 -14.92
N LEU A 222 44.98 1.42 -14.50
CA LEU A 222 43.75 0.65 -14.60
C LEU A 222 43.36 0.13 -13.22
N SER A 223 42.05 0.05 -12.99
CA SER A 223 41.51 -0.45 -11.74
C SER A 223 40.36 -1.39 -12.02
N ILE A 224 40.11 -2.30 -11.09
CA ILE A 224 39.03 -3.27 -11.23
C ILE A 224 38.03 -3.11 -10.09
N TYR B 113 16.92 7.39 -29.76
CA TYR B 113 17.75 8.11 -28.80
C TYR B 113 17.16 7.99 -27.40
N LYS B 114 15.83 7.95 -27.31
CA LYS B 114 15.16 7.88 -26.03
C LYS B 114 15.64 6.67 -25.22
N GLY B 115 16.01 5.59 -25.89
CA GLY B 115 16.64 4.49 -25.20
C GLY B 115 17.98 4.87 -24.60
N TYR B 116 18.76 5.67 -25.32
CA TYR B 116 20.04 6.13 -24.79
C TYR B 116 19.85 7.01 -23.56
N ILE B 117 18.88 7.93 -23.60
CA ILE B 117 18.59 8.74 -22.41
C ILE B 117 18.08 7.86 -21.28
N GLN B 118 17.26 6.85 -21.59
CA GLN B 118 16.78 5.94 -20.55
C GLN B 118 17.94 5.21 -19.88
N LEU B 119 18.88 4.71 -20.67
CA LEU B 119 20.04 4.03 -20.10
C LEU B 119 20.90 4.99 -19.30
N ALA B 120 21.05 6.23 -19.78
CA ALA B 120 21.84 7.22 -19.05
C ALA B 120 21.22 7.51 -17.68
N LEU B 121 19.90 7.68 -17.63
CA LEU B 121 19.23 7.90 -16.36
C LEU B 121 19.34 6.68 -15.45
N ARG B 122 19.19 5.48 -16.01
CA ARG B 122 19.31 4.27 -15.20
C ARG B 122 20.74 4.04 -14.73
N THR B 123 21.72 4.65 -15.37
CA THR B 123 23.11 4.51 -14.93
C THR B 123 23.29 5.11 -13.54
N GLY B 124 22.83 6.35 -13.35
CA GLY B 124 22.85 7.00 -12.05
C GLY B 124 24.21 7.36 -11.50
N GLN B 125 25.15 7.77 -12.36
CA GLN B 125 26.42 8.31 -11.90
C GLN B 125 26.76 9.64 -12.55
N TYR B 126 25.81 10.29 -13.22
CA TYR B 126 26.07 11.59 -13.83
C TYR B 126 25.61 12.71 -12.90
N LYS B 127 26.13 13.91 -13.14
CA LYS B 127 25.79 15.07 -12.33
C LYS B 127 25.01 16.13 -13.08
N SER B 128 25.47 16.54 -14.26
CA SER B 128 24.78 17.56 -15.03
C SER B 128 25.06 17.37 -16.52
N ILE B 129 24.07 17.68 -17.34
CA ILE B 129 24.18 17.64 -18.78
C ILE B 129 23.38 18.79 -19.37
N ASN B 130 23.93 19.42 -20.41
CA ASN B 130 23.27 20.55 -21.04
C ASN B 130 23.72 20.64 -22.48
N VAL B 131 22.78 21.00 -23.37
CA VAL B 131 23.07 21.29 -24.76
C VAL B 131 22.36 22.57 -25.15
N ILE B 132 23.10 23.50 -25.77
CA ILE B 132 22.58 24.81 -26.14
C ILE B 132 23.06 25.14 -27.54
N GLU B 133 22.55 26.26 -28.05
CA GLU B 133 22.96 26.79 -29.35
C GLU B 133 23.60 28.15 -29.16
N VAL B 134 24.73 28.36 -29.84
CA VAL B 134 25.45 29.63 -29.80
C VAL B 134 25.15 30.38 -31.09
N ARG B 135 24.67 31.61 -30.93
CA ARG B 135 24.23 32.45 -32.04
C ARG B 135 25.30 33.50 -32.35
N GLU B 136 25.20 34.09 -33.53
CA GLU B 136 26.25 34.96 -34.05
C GLU B 136 26.61 36.07 -33.06
N GLY B 137 27.91 36.27 -32.85
CA GLY B 137 28.41 37.30 -31.97
C GLY B 137 28.07 37.09 -30.51
N GLU B 138 28.24 35.87 -30.02
CA GLU B 138 27.91 35.54 -28.63
C GLU B 138 29.13 35.13 -27.82
N LEU B 139 29.89 34.14 -28.29
CA LEU B 139 31.10 33.71 -27.61
C LEU B 139 32.27 34.61 -27.98
N LEU B 140 33.40 34.43 -27.28
CA LEU B 140 34.60 35.22 -27.53
C LEU B 140 35.62 34.43 -28.34
N LYS B 141 36.05 33.28 -27.84
CA LYS B 141 37.04 32.46 -28.51
C LYS B 141 36.97 31.04 -27.97
N TRP B 142 37.16 30.07 -28.84
CA TRP B 142 37.10 28.66 -28.48
C TRP B 142 38.41 27.97 -28.84
N ASN B 143 38.88 27.09 -27.95
CA ASN B 143 40.08 26.32 -28.18
C ASN B 143 39.71 24.86 -28.42
N ARG B 144 40.23 24.29 -29.51
CA ARG B 144 39.97 22.90 -29.86
C ARG B 144 40.95 21.94 -29.21
N LEU B 145 41.98 22.43 -28.53
CA LEU B 145 42.98 21.59 -27.88
C LEU B 145 42.71 21.45 -26.39
N THR B 146 42.65 22.57 -25.67
CA THR B 146 42.44 22.56 -24.22
C THR B 146 40.97 22.72 -23.84
N GLU B 147 40.07 22.79 -24.83
CA GLU B 147 38.64 22.95 -24.57
C GLU B 147 38.36 24.21 -23.75
N GLU B 148 39.02 25.29 -24.12
CA GLU B 148 38.85 26.58 -23.46
C GLU B 148 37.82 27.40 -24.22
N ILE B 149 36.73 27.74 -23.55
CA ILE B 149 35.63 28.49 -24.15
C ILE B 149 35.15 29.54 -23.17
N GLU B 150 34.89 30.75 -23.67
CA GLU B 150 34.32 31.81 -22.85
C GLU B 150 33.26 32.53 -23.66
N LEU B 151 32.18 32.91 -22.98
CA LEU B 151 31.00 33.46 -23.63
C LEU B 151 30.47 34.63 -22.83
N ASP B 152 30.05 35.68 -23.54
CA ASP B 152 29.45 36.86 -22.93
C ASP B 152 28.00 36.94 -23.33
N LEU B 153 27.11 37.03 -22.34
CA LEU B 153 25.68 37.05 -22.58
C LEU B 153 25.20 38.47 -22.89
N ASP B 154 23.92 38.57 -23.27
CA ASP B 154 23.18 39.79 -23.62
C ASP B 154 24.03 40.86 -24.29
N ASN B 155 24.85 40.45 -25.27
CA ASN B 155 25.59 41.39 -26.11
C ASN B 155 25.62 40.79 -27.52
N ASN B 156 24.66 41.18 -28.34
CA ASN B 156 24.45 40.54 -29.63
C ASN B 156 23.51 41.40 -30.46
N THR B 157 23.57 41.22 -31.78
CA THR B 157 22.83 42.05 -32.72
C THR B 157 22.01 41.25 -33.71
N SER B 158 22.43 40.04 -34.07
CA SER B 158 21.78 39.26 -35.11
C SER B 158 20.73 38.34 -34.50
N GLU B 159 20.04 37.58 -35.35
CA GLU B 159 18.99 36.65 -34.93
C GLU B 159 19.14 35.30 -35.64
N LYS B 160 20.33 35.00 -36.13
CA LYS B 160 20.60 33.75 -36.84
C LYS B 160 21.67 32.97 -36.09
N VAL B 161 21.35 31.73 -35.73
CA VAL B 161 22.29 30.90 -34.98
C VAL B 161 23.45 30.49 -35.88
N VAL B 162 24.60 30.22 -35.26
CA VAL B 162 25.80 29.84 -36.01
C VAL B 162 26.40 28.52 -35.55
N GLY B 163 26.13 28.04 -34.34
CA GLY B 163 26.72 26.78 -33.91
C GLY B 163 25.97 26.20 -32.74
N TYR B 164 26.41 25.02 -32.32
CA TYR B 164 25.82 24.31 -31.18
C TYR B 164 26.91 23.88 -30.23
N CYS B 165 26.58 23.78 -28.95
CA CYS B 165 27.53 23.42 -27.91
C CYS B 165 26.87 22.52 -26.88
N GLY B 166 27.70 21.78 -26.16
CA GLY B 166 27.22 20.86 -25.15
C GLY B 166 28.24 20.68 -24.05
N TYR B 167 27.75 20.67 -22.80
CA TYR B 167 28.57 20.51 -21.61
C TYR B 167 28.02 19.38 -20.78
N PHE B 168 28.90 18.44 -20.41
CA PHE B 168 28.47 17.27 -19.64
C PHE B 168 29.49 17.00 -18.54
N GLN B 169 29.02 17.02 -17.29
CA GLN B 169 29.91 16.86 -16.14
C GLN B 169 29.37 15.77 -15.22
N LEU B 170 30.29 14.94 -14.72
CA LEU B 170 29.95 13.79 -13.89
C LEU B 170 30.03 14.15 -12.42
N ILE B 171 29.64 13.19 -11.57
CA ILE B 171 29.68 13.38 -10.13
C ILE B 171 31.09 13.32 -9.56
N ASN B 172 32.05 12.80 -10.31
CA ASN B 172 33.43 12.70 -9.86
C ASN B 172 34.29 13.90 -10.25
N GLY B 173 33.70 14.91 -10.87
CA GLY B 173 34.42 16.10 -11.26
C GLY B 173 34.85 16.14 -12.72
N PHE B 174 34.73 15.03 -13.44
CA PHE B 174 35.10 15.01 -14.85
C PHE B 174 34.08 15.79 -15.67
N GLU B 175 34.57 16.61 -16.60
CA GLU B 175 33.72 17.41 -17.45
C GLU B 175 34.19 17.30 -18.89
N LYS B 176 33.26 17.54 -19.82
CA LYS B 176 33.54 17.45 -21.24
C LYS B 176 32.72 18.50 -21.99
N THR B 177 33.35 19.14 -22.97
CA THR B 177 32.72 20.15 -23.80
C THR B 177 32.83 19.76 -25.26
N VAL B 178 31.74 19.96 -26.02
CA VAL B 178 31.71 19.67 -27.43
C VAL B 178 31.08 20.87 -28.14
N TYR B 179 31.67 21.26 -29.27
CA TYR B 179 31.16 22.39 -30.03
C TYR B 179 31.22 22.08 -31.52
N TRP B 180 30.12 22.33 -32.22
CA TRP B 180 30.00 22.05 -33.63
C TRP B 180 29.45 23.27 -34.37
N THR B 181 29.75 23.34 -35.66
CA THR B 181 29.30 24.41 -36.54
C THR B 181 28.42 23.83 -37.64
N ARG B 182 28.07 24.67 -38.61
CA ARG B 182 27.16 24.25 -39.67
C ARG B 182 27.85 23.36 -40.70
N LYS B 183 29.16 23.51 -40.89
CA LYS B 183 29.85 22.75 -41.93
C LYS B 183 29.81 21.25 -41.63
N GLU B 184 30.13 20.88 -40.38
CA GLU B 184 30.13 19.46 -40.02
C GLU B 184 28.73 18.87 -40.10
N ILE B 185 27.71 19.61 -39.67
CA ILE B 185 26.35 19.08 -39.68
C ILE B 185 25.85 18.93 -41.11
N GLU B 186 26.21 19.85 -42.01
CA GLU B 186 25.76 19.71 -43.39
C GLU B 186 26.51 18.57 -44.08
N ALA B 187 27.79 18.39 -43.77
CA ALA B 187 28.50 17.22 -44.28
C ALA B 187 27.86 15.93 -43.79
N HIS B 188 27.49 15.90 -42.51
CA HIS B 188 26.88 14.69 -41.94
C HIS B 188 25.52 14.41 -42.58
N LYS B 189 24.69 15.44 -42.80
CA LYS B 189 23.40 15.20 -43.41
C LYS B 189 23.54 14.80 -44.88
N GLN B 190 24.59 15.28 -45.56
CA GLN B 190 24.75 14.93 -46.96
C GLN B 190 25.44 13.58 -47.18
N LYS B 191 26.12 13.04 -46.17
CA LYS B 191 26.74 11.73 -46.35
C LYS B 191 26.04 10.60 -45.60
N PHE B 192 25.27 10.89 -44.57
CA PHE B 192 24.63 9.85 -43.77
C PHE B 192 23.11 9.89 -43.83
N SER B 193 22.51 11.07 -43.69
CA SER B 193 21.06 11.16 -43.64
C SER B 193 20.44 10.80 -44.98
N LYS B 194 19.28 10.16 -44.93
CA LYS B 194 18.55 9.75 -46.12
C LYS B 194 17.11 10.25 -46.14
N SER B 195 16.73 11.12 -45.20
CA SER B 195 15.39 11.65 -45.12
C SER B 195 15.43 13.16 -45.10
N ASP B 196 14.40 13.79 -45.67
CA ASP B 196 14.35 15.24 -45.77
C ASP B 196 12.99 15.84 -45.45
N PHE B 197 12.00 15.04 -45.05
CA PHE B 197 10.67 15.58 -44.80
C PHE B 197 10.66 16.49 -43.58
N GLY B 198 11.42 16.14 -42.54
CA GLY B 198 11.44 16.93 -41.33
C GLY B 198 12.36 18.13 -41.36
N TRP B 199 13.27 18.18 -42.35
CA TRP B 199 14.23 19.28 -42.41
C TRP B 199 13.56 20.60 -42.75
N LYS B 200 12.47 20.56 -43.54
CA LYS B 200 11.79 21.79 -43.90
C LYS B 200 10.93 22.32 -42.75
N LYS B 201 10.36 21.43 -41.93
CA LYS B 201 9.53 21.87 -40.82
C LYS B 201 10.35 22.59 -39.76
N ASP B 202 11.50 22.02 -39.38
CA ASP B 202 12.39 22.65 -38.42
C ASP B 202 13.82 22.34 -38.82
N TYR B 203 14.77 23.12 -38.30
CA TYR B 203 16.16 23.02 -38.69
C TYR B 203 17.09 22.59 -37.55
N ASP B 204 16.69 22.79 -36.30
CA ASP B 204 17.60 22.58 -35.19
C ASP B 204 17.34 21.32 -34.38
N ALA B 205 16.10 20.88 -34.25
CA ALA B 205 15.77 19.81 -33.31
C ALA B 205 16.48 18.51 -33.66
N MET B 206 16.47 18.13 -34.94
CA MET B 206 17.16 16.91 -35.34
C MET B 206 18.67 17.05 -35.24
N ALA B 207 19.21 18.25 -35.46
CA ALA B 207 20.64 18.47 -35.22
C ALA B 207 20.97 18.23 -33.75
N LYS B 208 20.13 18.73 -32.85
CA LYS B 208 20.35 18.51 -31.43
C LYS B 208 20.28 17.03 -31.08
N LYS B 209 19.29 16.32 -31.63
CA LYS B 209 19.15 14.90 -31.30
C LYS B 209 20.35 14.10 -31.81
N THR B 210 20.87 14.46 -33.00
CA THR B 210 22.09 13.81 -33.48
C THR B 210 23.27 14.10 -32.58
N VAL B 211 23.40 15.35 -32.12
CA VAL B 211 24.50 15.70 -31.21
C VAL B 211 24.41 14.86 -29.94
N LEU B 212 23.21 14.78 -29.36
CA LEU B 212 23.03 13.99 -28.13
C LEU B 212 23.35 12.53 -28.37
N ARG B 213 22.84 11.94 -29.45
CA ARG B 213 23.06 10.51 -29.66
C ARG B 213 24.54 10.20 -29.87
N ASN B 214 25.24 11.02 -30.66
CA ASN B 214 26.66 10.79 -30.86
C ASN B 214 27.47 10.98 -29.58
N MET B 215 27.19 12.04 -28.81
CA MET B 215 27.97 12.30 -27.61
C MET B 215 27.71 11.23 -26.55
N LEU B 216 26.46 10.76 -26.43
CA LEU B 216 26.18 9.64 -25.54
C LEU B 216 26.82 8.35 -26.04
N SER B 217 26.93 8.20 -27.36
CA SER B 217 27.40 6.93 -27.91
C SER B 217 28.90 6.75 -27.72
N LYS B 218 29.70 7.71 -28.22
CA LYS B 218 31.12 7.38 -28.39
C LYS B 218 31.92 7.69 -27.13
N TRP B 219 31.46 8.64 -26.29
CA TRP B 219 32.01 8.80 -24.94
C TRP B 219 31.18 8.16 -23.85
N GLY B 220 29.85 8.28 -23.89
CA GLY B 220 29.04 7.97 -22.72
C GLY B 220 29.10 6.50 -22.33
N ILE B 221 29.04 6.25 -21.03
CA ILE B 221 29.02 4.91 -20.48
C ILE B 221 27.58 4.42 -20.44
N LEU B 222 27.38 3.14 -20.72
CA LEU B 222 26.05 2.54 -20.76
C LEU B 222 25.99 1.35 -19.81
N SER B 223 24.83 1.15 -19.21
CA SER B 223 24.61 0.05 -18.29
C SER B 223 23.26 -0.59 -18.58
N ILE B 224 23.13 -1.86 -18.23
CA ILE B 224 21.90 -2.61 -18.46
C ILE B 224 21.32 -3.09 -17.13
N TYR C 113 -2.13 17.41 -20.29
CA TYR C 113 -0.97 17.38 -19.42
C TYR C 113 -1.22 16.45 -18.23
N LYS C 114 -2.48 16.43 -17.76
CA LYS C 114 -2.82 15.60 -16.60
C LYS C 114 -2.44 14.14 -16.83
N GLY C 115 -2.48 13.67 -18.07
CA GLY C 115 -1.96 12.35 -18.37
C GLY C 115 -0.46 12.25 -18.12
N TYR C 116 0.28 13.31 -18.45
CA TYR C 116 1.71 13.31 -18.19
C TYR C 116 2.00 13.27 -16.70
N ILE C 117 1.27 14.06 -15.90
CA ILE C 117 1.45 14.00 -14.45
C ILE C 117 1.05 12.63 -13.91
N GLN C 118 -0.01 12.04 -14.46
CA GLN C 118 -0.43 10.70 -14.02
C GLN C 118 0.67 9.68 -14.29
N LEU C 119 1.27 9.72 -15.48
CA LEU C 119 2.36 8.81 -15.81
C LEU C 119 3.57 9.06 -14.92
N ALA C 120 3.86 10.34 -14.63
CA ALA C 120 4.99 10.65 -13.75
C ALA C 120 4.78 10.09 -12.35
N LEU C 121 3.57 10.24 -11.80
CA LEU C 121 3.28 9.66 -10.50
C LEU C 121 3.34 8.14 -10.53
N ARG C 122 2.81 7.53 -11.59
CA ARG C 122 2.85 6.07 -11.69
C ARG C 122 4.27 5.55 -11.90
N THR C 123 5.19 6.40 -12.37
CA THR C 123 6.58 5.97 -12.54
C THR C 123 7.20 5.61 -11.20
N GLY C 124 7.07 6.50 -10.21
CA GLY C 124 7.53 6.24 -8.87
C GLY C 124 9.03 6.15 -8.66
N GLN C 125 9.80 6.96 -9.38
CA GLN C 125 11.23 7.08 -9.12
C GLN C 125 11.69 8.52 -8.98
N TYR C 126 10.77 9.48 -8.82
CA TYR C 126 11.16 10.87 -8.63
C TYR C 126 11.16 11.21 -7.15
N LYS C 127 11.87 12.30 -6.81
CA LYS C 127 11.98 12.74 -5.43
C LYS C 127 11.29 14.06 -5.17
N SER C 128 11.56 15.09 -5.98
CA SER C 128 10.92 16.39 -5.77
C SER C 128 10.81 17.12 -7.11
N ILE C 129 9.74 17.90 -7.23
CA ILE C 129 9.50 18.73 -8.41
C ILE C 129 8.86 20.04 -7.96
N ASN C 130 9.27 21.14 -8.58
CA ASN C 130 8.74 22.44 -8.21
C ASN C 130 8.84 23.37 -9.39
N VAL C 131 7.83 24.22 -9.57
CA VAL C 131 7.84 25.28 -10.57
C VAL C 131 7.35 26.57 -9.91
N ILE C 132 8.10 27.65 -10.09
CA ILE C 132 7.80 28.94 -9.48
C ILE C 132 8.00 30.03 -10.51
N GLU C 133 7.65 31.25 -10.11
CA GLU C 133 7.84 32.44 -10.93
C GLU C 133 8.78 33.39 -10.22
N VAL C 134 9.75 33.93 -10.97
CA VAL C 134 10.71 34.89 -10.45
C VAL C 134 10.28 36.28 -10.91
N ARG C 135 10.12 37.18 -9.96
CA ARG C 135 9.63 38.53 -10.19
C ARG C 135 10.80 39.52 -10.16
N GLU C 136 10.55 40.71 -10.70
CA GLU C 136 11.62 41.68 -10.94
C GLU C 136 12.43 41.95 -9.67
N GLY C 137 13.75 41.95 -9.81
CA GLY C 137 14.65 42.22 -8.71
C GLY C 137 14.63 41.19 -7.61
N GLU C 138 14.63 39.91 -7.97
CA GLU C 138 14.58 38.82 -7.00
C GLU C 138 15.84 37.97 -7.00
N LEU C 139 16.24 37.44 -8.15
CA LEU C 139 17.45 36.64 -8.25
C LEU C 139 18.67 37.55 -8.39
N LEU C 140 19.86 36.95 -8.30
CA LEU C 140 21.11 37.70 -8.44
C LEU C 140 21.73 37.52 -9.82
N LYS C 141 22.01 36.28 -10.22
CA LYS C 141 22.61 36.01 -11.52
C LYS C 141 22.36 34.55 -11.87
N TRP C 142 22.14 34.29 -13.15
CA TRP C 142 21.86 32.95 -13.65
C TRP C 142 22.88 32.58 -14.73
N ASN C 143 23.33 31.33 -14.69
CA ASN C 143 24.25 30.80 -15.68
C ASN C 143 23.54 29.80 -16.56
N ARG C 144 23.66 29.99 -17.88
CA ARG C 144 23.03 29.10 -18.85
C ARG C 144 23.90 27.91 -19.21
N LEU C 145 25.15 27.87 -18.73
CA LEU C 145 26.07 26.77 -19.04
C LEU C 145 26.14 25.76 -17.89
N THR C 146 26.48 26.23 -16.69
CA THR C 146 26.61 25.35 -15.52
C THR C 146 25.35 25.30 -14.67
N GLU C 147 24.28 25.97 -15.11
CA GLU C 147 23.00 25.99 -14.37
C GLU C 147 23.20 26.50 -12.95
N GLU C 148 23.99 27.58 -12.83
CA GLU C 148 24.25 28.21 -11.55
C GLU C 148 23.26 29.35 -11.34
N ILE C 149 22.46 29.27 -10.29
CA ILE C 149 21.44 30.26 -9.99
C ILE C 149 21.44 30.51 -8.48
N GLU C 150 21.33 31.79 -8.11
CA GLU C 150 21.21 32.15 -6.70
C GLU C 150 20.16 33.25 -6.57
N LEU C 151 19.38 33.18 -5.50
CA LEU C 151 18.23 34.06 -5.33
C LEU C 151 18.17 34.52 -3.88
N ASP C 152 17.82 35.79 -3.70
CA ASP C 152 17.66 36.39 -2.38
C ASP C 152 16.18 36.74 -2.19
N LEU C 153 15.60 36.26 -1.10
CA LEU C 153 14.19 36.46 -0.83
C LEU C 153 13.97 37.78 -0.11
N ASP C 154 12.68 38.14 0.06
CA ASP C 154 12.17 39.34 0.72
C ASP C 154 13.04 40.58 0.54
N ASN C 155 13.50 40.81 -0.70
CA ASN C 155 14.21 42.04 -1.05
C ASN C 155 13.79 42.41 -2.46
N ASN C 156 12.77 43.25 -2.58
CA ASN C 156 12.14 43.53 -3.85
C ASN C 156 11.23 44.73 -3.71
N THR C 157 10.95 45.39 -4.83
CA THR C 157 10.19 46.64 -4.85
C THR C 157 9.02 46.63 -5.80
N SER C 158 9.08 45.87 -6.88
CA SER C 158 8.05 45.88 -7.92
C SER C 158 6.99 44.81 -7.63
N GLU C 159 5.99 44.75 -8.51
CA GLU C 159 4.89 43.80 -8.38
C GLU C 159 4.58 43.14 -9.72
N LYS C 160 5.53 43.16 -10.65
CA LYS C 160 5.35 42.58 -11.98
C LYS C 160 6.38 41.47 -12.18
N VAL C 161 5.90 40.27 -12.51
CA VAL C 161 6.77 39.13 -12.70
C VAL C 161 7.58 39.31 -13.98
N VAL C 162 8.76 38.69 -14.02
CA VAL C 162 9.64 38.79 -15.18
C VAL C 162 10.03 37.44 -15.77
N GLY C 163 9.96 36.33 -15.03
CA GLY C 163 10.35 35.06 -15.60
C GLY C 163 9.78 33.91 -14.80
N TYR C 164 10.05 32.70 -15.28
CA TYR C 164 9.60 31.48 -14.63
C TYR C 164 10.78 30.52 -14.48
N CYS C 165 10.72 29.68 -13.45
CA CYS C 165 11.80 28.75 -13.17
C CYS C 165 11.21 27.43 -12.69
N GLY C 166 12.01 26.37 -12.81
CA GLY C 166 11.60 25.04 -12.40
C GLY C 166 12.79 24.20 -11.98
N TYR C 167 12.60 23.47 -10.89
CA TYR C 167 13.63 22.59 -10.32
C TYR C 167 13.06 21.20 -10.16
N PHE C 168 13.77 20.20 -10.68
CA PHE C 168 13.30 18.83 -10.62
C PHE C 168 14.46 17.91 -10.26
N GLN C 169 14.32 17.18 -9.15
CA GLN C 169 15.38 16.34 -8.62
C GLN C 169 14.86 14.93 -8.38
N LEU C 170 15.67 13.94 -8.74
CA LEU C 170 15.29 12.54 -8.66
C LEU C 170 15.79 11.92 -7.35
N ILE C 171 15.41 10.66 -7.14
CA ILE C 171 15.82 9.94 -5.93
C ILE C 171 17.28 9.51 -5.97
N ASN C 172 17.91 9.52 -7.14
CA ASN C 172 19.29 9.11 -7.29
C ASN C 172 20.28 10.28 -7.18
N GLY C 173 19.79 11.48 -6.89
CA GLY C 173 20.65 12.65 -6.76
C GLY C 173 20.70 13.55 -7.97
N PHE C 174 20.20 13.09 -9.12
CA PHE C 174 20.22 13.92 -10.31
C PHE C 174 19.23 15.06 -10.19
N GLU C 175 19.65 16.26 -10.58
CA GLU C 175 18.81 17.44 -10.51
C GLU C 175 18.89 18.21 -11.83
N LYS C 176 17.85 19.00 -12.10
CA LYS C 176 17.78 19.77 -13.33
C LYS C 176 17.04 21.08 -13.05
N THR C 177 17.56 22.15 -13.64
CA THR C 177 16.98 23.48 -13.50
C THR C 177 16.65 24.05 -14.88
N VAL C 178 15.50 24.70 -15.00
CA VAL C 178 15.07 25.33 -16.23
C VAL C 178 14.57 26.73 -15.90
N TYR C 179 14.94 27.70 -16.73
CA TYR C 179 14.53 29.08 -16.50
C TYR C 179 14.17 29.72 -17.84
N TRP C 180 13.01 30.38 -17.88
CA TRP C 180 12.51 31.02 -19.09
C TRP C 180 12.08 32.44 -18.79
N THR C 181 12.09 33.27 -19.82
CA THR C 181 11.69 34.67 -19.75
C THR C 181 10.46 34.90 -20.64
N ARG C 182 10.08 36.17 -20.79
CA ARG C 182 8.90 36.50 -21.56
C ARG C 182 9.11 36.39 -23.07
N LYS C 183 10.35 36.58 -23.54
CA LYS C 183 10.59 36.57 -24.98
C LYS C 183 10.31 35.20 -25.58
N GLU C 184 10.82 34.14 -24.95
CA GLU C 184 10.60 32.80 -25.46
C GLU C 184 9.12 32.42 -25.41
N ILE C 185 8.42 32.79 -24.34
CA ILE C 185 7.01 32.41 -24.23
C ILE C 185 6.17 33.17 -25.25
N GLU C 186 6.50 34.44 -25.52
CA GLU C 186 5.73 35.16 -26.52
C GLU C 186 6.03 34.65 -27.93
N ALA C 187 7.28 34.27 -28.20
CA ALA C 187 7.58 33.63 -29.47
C ALA C 187 6.82 32.32 -29.61
N HIS C 188 6.75 31.53 -28.54
CA HIS C 188 6.05 30.27 -28.60
C HIS C 188 4.55 30.46 -28.83
N LYS C 189 3.94 31.44 -28.14
CA LYS C 189 2.52 31.67 -28.34
C LYS C 189 2.23 32.21 -29.73
N GLN C 190 3.17 32.98 -30.31
CA GLN C 190 2.92 33.53 -31.64
C GLN C 190 3.23 32.57 -32.77
N LYS C 191 4.00 31.51 -32.52
CA LYS C 191 4.26 30.55 -33.60
C LYS C 191 3.53 29.23 -33.44
N PHE C 192 3.10 28.86 -32.24
CA PHE C 192 2.46 27.57 -32.02
C PHE C 192 1.01 27.69 -31.56
N SER C 193 0.72 28.55 -30.61
CA SER C 193 -0.62 28.65 -30.06
C SER C 193 -1.59 29.18 -31.09
N LYS C 194 -2.83 28.68 -31.04
CA LYS C 194 -3.88 29.09 -31.96
C LYS C 194 -5.14 29.55 -31.24
N SER C 195 -5.09 29.69 -29.92
CA SER C 195 -6.25 30.11 -29.13
C SER C 195 -5.87 31.30 -28.27
N ASP C 196 -6.85 32.18 -28.03
CA ASP C 196 -6.61 33.40 -27.28
C ASP C 196 -7.70 33.73 -26.27
N PHE C 197 -8.72 32.88 -26.10
CA PHE C 197 -9.80 33.21 -25.19
C PHE C 197 -9.34 33.19 -23.73
N GLY C 198 -8.45 32.26 -23.38
CA GLY C 198 -7.98 32.16 -22.01
C GLY C 198 -6.85 33.11 -21.67
N TRP C 199 -6.21 33.72 -22.67
CA TRP C 199 -5.08 34.59 -22.39
C TRP C 199 -5.52 35.88 -21.70
N LYS C 200 -6.73 36.35 -21.98
CA LYS C 200 -7.22 37.57 -21.35
C LYS C 200 -7.64 37.34 -19.91
N LYS C 201 -8.18 36.15 -19.60
CA LYS C 201 -8.61 35.86 -18.24
C LYS C 201 -7.44 35.76 -17.29
N ASP C 202 -6.38 35.05 -17.68
CA ASP C 202 -5.18 34.94 -16.87
C ASP C 202 -3.98 34.88 -17.81
N TYR C 203 -2.80 35.17 -17.25
CA TYR C 203 -1.58 35.28 -18.05
C TYR C 203 -0.54 34.22 -17.72
N ASP C 204 -0.57 33.63 -16.53
CA ASP C 204 0.51 32.77 -16.08
C ASP C 204 0.18 31.28 -16.09
N ALA C 205 -1.08 30.90 -15.84
CA ALA C 205 -1.40 29.48 -15.63
C ALA C 205 -1.07 28.64 -16.86
N MET C 206 -1.46 29.11 -18.05
CA MET C 206 -1.17 28.36 -19.25
C MET C 206 0.33 28.36 -19.57
N ALA C 207 1.04 29.43 -19.24
CA ALA C 207 2.49 29.42 -19.38
C ALA C 207 3.10 28.32 -18.51
N LYS C 208 2.62 28.21 -17.26
CA LYS C 208 3.12 27.17 -16.36
C LYS C 208 2.81 25.79 -16.91
N LYS C 209 1.59 25.58 -17.43
CA LYS C 209 1.24 24.25 -17.93
C LYS C 209 2.08 23.88 -19.15
N THR C 210 2.38 24.86 -20.01
CA THR C 210 3.28 24.60 -21.14
C THR C 210 4.68 24.25 -20.65
N VAL C 211 5.17 24.97 -19.64
CA VAL C 211 6.50 24.67 -19.09
C VAL C 211 6.53 23.23 -18.57
N LEU C 212 5.51 22.85 -17.80
CA LEU C 212 5.47 21.50 -17.25
C LEU C 212 5.40 20.46 -18.36
N ARG C 213 4.53 20.66 -19.35
CA ARG C 213 4.39 19.64 -20.38
C ARG C 213 5.67 19.48 -21.18
N ASN C 214 6.34 20.58 -21.55
CA ASN C 214 7.59 20.47 -22.27
C ASN C 214 8.69 19.82 -21.45
N MET C 215 8.83 20.21 -20.17
CA MET C 215 9.91 19.67 -19.35
C MET C 215 9.67 18.19 -19.06
N LEU C 216 8.42 17.79 -18.85
CA LEU C 216 8.12 16.37 -18.71
C LEU C 216 8.34 15.63 -20.03
N SER C 217 8.10 16.29 -21.16
CA SER C 217 8.14 15.59 -22.43
C SER C 217 9.57 15.29 -22.86
N LYS C 218 10.43 16.32 -22.96
CA LYS C 218 11.66 16.11 -23.71
C LYS C 218 12.78 15.58 -22.82
N TRP C 219 12.74 15.84 -21.51
CA TRP C 219 13.61 15.15 -20.56
C TRP C 219 12.94 14.00 -19.82
N GLY C 220 11.70 14.17 -19.37
CA GLY C 220 11.13 13.24 -18.40
C GLY C 220 10.96 11.83 -18.94
N ILE C 221 11.16 10.85 -18.08
CA ILE C 221 10.97 9.45 -18.41
C ILE C 221 9.51 9.09 -18.19
N LEU C 222 8.98 8.24 -19.08
CA LEU C 222 7.59 7.82 -19.03
C LEU C 222 7.51 6.31 -18.96
N SER C 223 6.50 5.82 -18.24
CA SER C 223 6.26 4.39 -18.09
C SER C 223 4.78 4.11 -18.25
N ILE C 224 4.47 2.88 -18.67
CA ILE C 224 3.08 2.47 -18.87
C ILE C 224 2.75 1.30 -17.95
N TYR D 113 -16.13 19.72 -2.82
CA TYR D 113 -14.84 19.15 -2.48
C TYR D 113 -15.00 17.69 -2.03
N LYS D 114 -16.12 17.42 -1.36
CA LYS D 114 -16.37 16.07 -0.85
C LYS D 114 -16.31 15.03 -1.96
N GLY D 115 -16.67 15.42 -3.19
CA GLY D 115 -16.46 14.53 -4.31
C GLY D 115 -14.99 14.27 -4.58
N TYR D 116 -14.16 15.29 -4.42
CA TYR D 116 -12.72 15.11 -4.60
C TYR D 116 -12.15 14.17 -3.55
N ILE D 117 -12.55 14.33 -2.28
CA ILE D 117 -12.10 13.40 -1.25
C ILE D 117 -12.63 12.00 -1.51
N GLN D 118 -13.87 11.88 -2.00
CA GLN D 118 -14.41 10.57 -2.33
C GLN D 118 -13.59 9.89 -3.42
N LEU D 119 -13.24 10.63 -4.47
CA LEU D 119 -12.41 10.07 -5.53
C LEU D 119 -11.02 9.72 -5.03
N ALA D 120 -10.46 10.55 -4.14
CA ALA D 120 -9.14 10.25 -3.59
C ALA D 120 -9.16 8.96 -2.78
N LEU D 121 -10.19 8.77 -1.96
CA LEU D 121 -10.31 7.52 -1.19
C LEU D 121 -10.53 6.33 -2.12
N ARG D 122 -11.36 6.49 -3.14
CA ARG D 122 -11.59 5.40 -4.08
C ARG D 122 -10.37 5.08 -4.92
N THR D 123 -9.43 6.02 -5.03
CA THR D 123 -8.20 5.75 -5.78
C THR D 123 -7.39 4.65 -5.11
N GLY D 124 -7.17 4.76 -3.81
CA GLY D 124 -6.49 3.72 -3.05
C GLY D 124 -5.03 3.50 -3.34
N GLN D 125 -4.28 4.57 -3.63
CA GLN D 125 -2.83 4.47 -3.74
C GLN D 125 -2.10 5.53 -2.92
N TYR D 126 -2.79 6.21 -2.00
CA TYR D 126 -2.14 7.20 -1.15
C TYR D 126 -1.78 6.58 0.19
N LYS D 127 -0.84 7.22 0.89
CA LYS D 127 -0.37 6.74 2.18
C LYS D 127 -0.75 7.66 3.33
N SER D 128 -0.49 8.95 3.23
CA SER D 128 -0.82 9.88 4.31
C SER D 128 -1.07 11.27 3.74
N ILE D 129 -1.98 11.99 4.37
CA ILE D 129 -2.31 13.36 4.00
C ILE D 129 -2.60 14.14 5.28
N ASN D 130 -2.14 15.39 5.34
CA ASN D 130 -2.35 16.21 6.51
C ASN D 130 -2.32 17.67 6.11
N VAL D 131 -3.18 18.47 6.73
CA VAL D 131 -3.18 19.92 6.57
C VAL D 131 -3.30 20.55 7.96
N ILE D 132 -2.41 21.51 8.23
CA ILE D 132 -2.35 22.17 9.53
C ILE D 132 -2.17 23.67 9.32
N GLU D 133 -2.22 24.41 10.43
CA GLU D 133 -1.99 25.84 10.43
C GLU D 133 -0.77 26.15 11.28
N VAL D 134 0.10 27.01 10.76
CA VAL D 134 1.31 27.45 11.46
C VAL D 134 1.04 28.84 12.02
N ARG D 135 1.25 28.99 13.32
CA ARG D 135 0.96 30.20 14.05
C ARG D 135 2.26 30.96 14.33
N GLU D 136 2.13 32.24 14.67
CA GLU D 136 3.28 33.13 14.76
C GLU D 136 4.36 32.57 15.68
N GLY D 137 5.61 32.62 15.22
CA GLY D 137 6.75 32.15 15.98
C GLY D 137 6.75 30.66 16.25
N GLU D 138 6.47 29.86 15.23
CA GLU D 138 6.42 28.41 15.37
C GLU D 138 7.49 27.71 14.54
N LEU D 139 7.54 27.97 13.24
CA LEU D 139 8.55 27.37 12.37
C LEU D 139 9.86 28.16 12.46
N LEU D 140 10.91 27.59 11.87
CA LEU D 140 12.22 28.25 11.87
C LEU D 140 12.51 28.93 10.53
N LYS D 141 12.49 28.18 9.44
CA LYS D 141 12.76 28.73 8.11
C LYS D 141 12.19 27.79 7.06
N TRP D 142 11.67 28.37 5.98
CA TRP D 142 11.07 27.60 4.90
C TRP D 142 11.77 27.94 3.59
N ASN D 143 11.99 26.92 2.77
CA ASN D 143 12.60 27.08 1.46
C ASN D 143 11.56 26.82 0.38
N ARG D 144 11.43 27.76 -0.55
CA ARG D 144 10.48 27.66 -1.64
C ARG D 144 11.03 26.91 -2.85
N LEU D 145 12.33 26.56 -2.84
CA LEU D 145 12.95 25.84 -3.94
C LEU D 145 13.08 24.35 -3.66
N THR D 146 13.72 23.99 -2.56
CA THR D 146 13.93 22.60 -2.20
C THR D 146 12.88 22.06 -1.24
N GLU D 147 11.87 22.87 -0.90
CA GLU D 147 10.80 22.48 0.02
C GLU D 147 11.37 22.02 1.36
N GLU D 148 12.33 22.79 1.87
CA GLU D 148 12.96 22.51 3.16
C GLU D 148 12.25 23.32 4.23
N ILE D 149 11.67 22.63 5.20
CA ILE D 149 10.92 23.25 6.29
C ILE D 149 11.27 22.55 7.60
N GLU D 150 11.46 23.34 8.65
CA GLU D 150 11.69 22.79 9.97
C GLU D 150 10.91 23.61 10.99
N LEU D 151 10.35 22.92 11.98
CA LEU D 151 9.42 23.53 12.92
C LEU D 151 9.73 23.03 14.33
N ASP D 152 9.68 23.94 15.29
CA ASP D 152 9.88 23.62 16.70
C ASP D 152 8.57 23.81 17.44
N LEU D 153 8.13 22.78 18.16
CA LEU D 153 6.86 22.81 18.86
C LEU D 153 7.02 23.43 20.25
N ASP D 154 5.89 23.64 20.92
CA ASP D 154 5.72 24.21 22.25
C ASP D 154 6.75 25.29 22.59
N ASN D 155 6.99 26.21 21.66
CA ASN D 155 7.83 27.38 21.91
C ASN D 155 7.20 28.54 21.15
N ASN D 156 6.34 29.30 21.82
CA ASN D 156 5.52 30.31 21.16
C ASN D 156 4.89 31.20 22.22
N THR D 157 4.50 32.41 21.80
CA THR D 157 4.00 33.42 22.71
C THR D 157 2.66 34.02 22.28
N SER D 158 2.38 34.07 20.98
CA SER D 158 1.19 34.72 20.47
C SER D 158 0.03 33.72 20.36
N GLU D 159 -1.13 34.22 19.92
CA GLU D 159 -2.33 33.41 19.75
C GLU D 159 -3.01 33.70 18.42
N LYS D 160 -2.27 34.26 17.45
CA LYS D 160 -2.81 34.60 16.15
C LYS D 160 -2.06 33.82 15.08
N VAL D 161 -2.80 33.08 14.26
CA VAL D 161 -2.19 32.26 13.22
C VAL D 161 -1.64 33.16 12.11
N VAL D 162 -0.62 32.66 11.42
CA VAL D 162 0.01 33.43 10.35
C VAL D 162 0.04 32.70 9.01
N GLY D 163 -0.08 31.38 8.96
CA GLY D 163 -0.05 30.70 7.68
C GLY D 163 -0.63 29.30 7.79
N TYR D 164 -0.69 28.63 6.65
CA TYR D 164 -1.20 27.27 6.56
C TYR D 164 -0.21 26.39 5.80
N CYS D 165 -0.21 25.10 6.13
CA CYS D 165 0.73 24.16 5.51
C CYS D 165 0.03 22.83 5.29
N GLY D 166 0.58 22.05 4.37
CA GLY D 166 0.03 20.76 4.03
C GLY D 166 1.11 19.81 3.55
N TYR D 167 1.02 18.57 4.01
CA TYR D 167 1.97 17.52 3.66
C TYR D 167 1.21 16.31 3.14
N PHE D 168 1.62 15.82 1.96
CA PHE D 168 0.93 14.69 1.35
C PHE D 168 1.96 13.72 0.79
N GLN D 169 1.92 12.48 1.27
CA GLN D 169 2.90 11.47 0.90
C GLN D 169 2.19 10.21 0.41
N LEU D 170 2.72 9.62 -0.66
CA LEU D 170 2.13 8.46 -1.31
C LEU D 170 2.78 7.17 -0.78
N ILE D 171 2.23 6.05 -1.25
CA ILE D 171 2.73 4.73 -0.85
C ILE D 171 4.06 4.39 -1.51
N ASN D 172 4.42 5.09 -2.58
CA ASN D 172 5.67 4.83 -3.29
C ASN D 172 6.83 5.67 -2.79
N GLY D 173 6.64 6.47 -1.75
CA GLY D 173 7.69 7.29 -1.20
C GLY D 173 7.68 8.74 -1.63
N PHE D 174 6.88 9.08 -2.64
CA PHE D 174 6.80 10.47 -3.10
C PHE D 174 6.07 11.32 -2.07
N GLU D 175 6.61 12.50 -1.80
CA GLU D 175 6.02 13.42 -0.83
C GLU D 175 5.98 14.83 -1.42
N LYS D 176 5.05 15.63 -0.91
CA LYS D 176 4.86 17.00 -1.38
C LYS D 176 4.44 17.88 -0.22
N THR D 177 5.01 19.09 -0.19
CA THR D 177 4.72 20.08 0.84
C THR D 177 4.23 21.36 0.19
N VAL D 178 3.21 21.96 0.79
CA VAL D 178 2.66 23.23 0.31
C VAL D 178 2.49 24.16 1.51
N TYR D 179 2.86 25.42 1.33
CA TYR D 179 2.75 26.40 2.42
C TYR D 179 2.24 27.72 1.85
N TRP D 180 1.24 28.29 2.50
CA TRP D 180 0.63 29.54 2.07
C TRP D 180 0.52 30.50 3.25
N THR D 181 0.47 31.79 2.92
CA THR D 181 0.35 32.87 3.90
C THR D 181 -0.97 33.61 3.66
N ARG D 182 -1.14 34.72 4.39
CA ARG D 182 -2.38 35.48 4.30
C ARG D 182 -2.49 36.30 3.01
N LYS D 183 -1.37 36.70 2.44
CA LYS D 183 -1.42 37.56 1.25
C LYS D 183 -2.05 36.83 0.07
N GLU D 184 -1.62 35.60 -0.18
CA GLU D 184 -2.18 34.85 -1.31
C GLU D 184 -3.66 34.55 -1.10
N ILE D 185 -4.05 34.20 0.13
CA ILE D 185 -5.45 33.86 0.38
C ILE D 185 -6.33 35.10 0.26
N GLU D 186 -5.85 36.27 0.69
CA GLU D 186 -6.66 37.47 0.55
C GLU D 186 -6.75 37.90 -0.91
N ALA D 187 -5.66 37.74 -1.68
CA ALA D 187 -5.73 38.00 -3.11
C ALA D 187 -6.73 37.06 -3.78
N HIS D 188 -6.72 35.78 -3.39
CA HIS D 188 -7.64 34.82 -3.98
C HIS D 188 -9.08 35.14 -3.64
N LYS D 189 -9.37 35.52 -2.39
CA LYS D 189 -10.74 35.85 -2.03
C LYS D 189 -11.19 37.14 -2.71
N GLN D 190 -10.27 38.08 -2.96
CA GLN D 190 -10.69 39.32 -3.60
C GLN D 190 -10.78 39.23 -5.11
N LYS D 191 -10.18 38.22 -5.74
CA LYS D 191 -10.31 38.10 -7.19
C LYS D 191 -11.22 36.97 -7.65
N PHE D 192 -11.46 35.97 -6.81
CA PHE D 192 -12.25 34.81 -7.22
C PHE D 192 -13.54 34.66 -6.43
N SER D 193 -13.47 34.77 -5.09
CA SER D 193 -14.64 34.55 -4.26
C SER D 193 -15.69 35.62 -4.50
N LYS D 194 -16.96 35.22 -4.42
CA LYS D 194 -18.08 36.13 -4.61
C LYS D 194 -19.08 36.07 -3.45
N SER D 195 -18.74 35.39 -2.36
CA SER D 195 -19.62 35.27 -1.20
C SER D 195 -18.87 35.70 0.04
N ASP D 196 -19.62 36.26 1.00
CA ASP D 196 -19.02 36.78 2.22
C ASP D 196 -19.80 36.45 3.48
N PHE D 197 -20.90 35.70 3.39
CA PHE D 197 -21.71 35.43 4.57
C PHE D 197 -20.97 34.52 5.56
N GLY D 198 -20.21 33.55 5.05
CA GLY D 198 -19.50 32.64 5.93
C GLY D 198 -18.18 33.15 6.45
N TRP D 199 -17.66 34.23 5.86
CA TRP D 199 -16.35 34.74 6.28
C TRP D 199 -16.41 35.36 7.66
N LYS D 200 -17.56 35.93 8.04
CA LYS D 200 -17.67 36.53 9.37
C LYS D 200 -17.85 35.48 10.46
N LYS D 201 -18.51 34.36 10.14
CA LYS D 201 -18.71 33.31 11.14
C LYS D 201 -17.40 32.64 11.52
N ASP D 202 -16.59 32.29 10.52
CA ASP D 202 -15.28 31.68 10.75
C ASP D 202 -14.33 32.18 9.69
N TYR D 203 -13.03 32.05 9.96
CA TYR D 203 -11.99 32.59 9.09
C TYR D 203 -11.11 31.53 8.46
N ASP D 204 -11.01 30.34 9.05
CA ASP D 204 -10.03 29.36 8.61
C ASP D 204 -10.60 28.19 7.82
N ALA D 205 -11.84 27.76 8.12
CA ALA D 205 -12.35 26.51 7.55
C ALA D 205 -12.43 26.57 6.04
N MET D 206 -12.96 27.67 5.50
CA MET D 206 -13.06 27.80 4.05
C MET D 206 -11.68 27.96 3.41
N ALA D 207 -10.73 28.60 4.10
CA ALA D 207 -9.37 28.64 3.59
C ALA D 207 -8.80 27.23 3.48
N LYS D 208 -9.03 26.40 4.49
CA LYS D 208 -8.56 25.03 4.44
C LYS D 208 -9.21 24.25 3.31
N LYS D 209 -10.52 24.44 3.11
CA LYS D 209 -11.19 23.68 2.05
C LYS D 209 -10.69 24.11 0.68
N THR D 210 -10.41 25.41 0.50
CA THR D 210 -9.81 25.85 -0.75
C THR D 210 -8.42 25.25 -0.96
N VAL D 211 -7.62 25.20 0.10
CA VAL D 211 -6.29 24.61 -0.01
C VAL D 211 -6.40 23.15 -0.43
N LEU D 212 -7.30 22.40 0.21
CA LEU D 212 -7.47 20.99 -0.14
C LEU D 212 -7.94 20.83 -1.57
N ARG D 213 -8.94 21.61 -1.99
CA ARG D 213 -9.46 21.42 -3.34
C ARG D 213 -8.41 21.75 -4.40
N ASN D 214 -7.66 22.83 -4.21
CA ASN D 214 -6.61 23.16 -5.17
C ASN D 214 -5.50 22.12 -5.21
N MET D 215 -5.03 21.67 -4.03
CA MET D 215 -3.94 20.71 -4.00
C MET D 215 -4.36 19.36 -4.58
N LEU D 216 -5.60 18.94 -4.30
CA LEU D 216 -6.11 17.73 -4.94
C LEU D 216 -6.30 17.93 -6.44
N SER D 217 -6.63 19.14 -6.86
CA SER D 217 -6.97 19.36 -8.27
C SER D 217 -5.73 19.35 -9.14
N LYS D 218 -4.75 20.21 -8.85
CA LYS D 218 -3.75 20.48 -9.88
C LYS D 218 -2.58 19.49 -9.81
N TRP D 219 -2.31 18.91 -8.63
CA TRP D 219 -1.40 17.77 -8.53
C TRP D 219 -2.11 16.42 -8.44
N GLY D 220 -3.18 16.30 -7.67
CA GLY D 220 -3.69 14.99 -7.31
C GLY D 220 -4.22 14.21 -8.50
N ILE D 221 -4.03 12.90 -8.44
CA ILE D 221 -4.52 11.99 -9.47
C ILE D 221 -5.95 11.59 -9.12
N LEU D 222 -6.79 11.47 -10.15
CA LEU D 222 -8.19 11.13 -9.98
C LEU D 222 -8.52 9.88 -10.78
N SER D 223 -9.44 9.09 -10.24
CA SER D 223 -9.89 7.86 -10.89
C SER D 223 -11.41 7.76 -10.78
N ILE D 224 -12.00 7.04 -11.73
CA ILE D 224 -13.44 6.86 -11.76
C ILE D 224 -13.79 5.39 -11.64
N TYR E 113 -25.24 10.45 16.44
CA TYR E 113 -24.01 9.80 15.99
C TYR E 113 -24.30 8.37 15.56
N LYS E 114 -25.26 7.73 16.25
CA LYS E 114 -25.59 6.34 15.95
C LYS E 114 -25.97 6.16 14.48
N GLY E 115 -26.56 7.20 13.86
CA GLY E 115 -26.77 7.15 12.43
C GLY E 115 -25.47 7.12 11.65
N TYR E 116 -24.46 7.87 12.11
CA TYR E 116 -23.17 7.84 11.45
C TYR E 116 -22.52 6.46 11.56
N ILE E 117 -22.58 5.84 12.73
CA ILE E 117 -22.04 4.49 12.86
C ILE E 117 -22.84 3.51 12.01
N GLN E 118 -24.15 3.68 11.94
CA GLN E 118 -24.98 2.82 11.10
C GLN E 118 -24.57 2.93 9.63
N LEU E 119 -24.36 4.15 9.14
CA LEU E 119 -23.92 4.35 7.77
C LEU E 119 -22.52 3.78 7.55
N ALA E 120 -21.64 3.93 8.54
CA ALA E 120 -20.30 3.37 8.41
C ALA E 120 -20.32 1.85 8.29
N LEU E 121 -21.14 1.20 9.12
CA LEU E 121 -21.28 -0.25 9.03
C LEU E 121 -21.91 -0.68 7.70
N ARG E 122 -22.92 0.06 7.25
CA ARG E 122 -23.56 -0.27 5.97
C ARG E 122 -22.64 0.00 4.79
N THR E 123 -21.61 0.82 4.96
CA THR E 123 -20.66 1.07 3.88
C THR E 123 -19.91 -0.20 3.51
N GLY E 124 -19.36 -0.88 4.52
CA GLY E 124 -18.70 -2.16 4.32
C GLY E 124 -17.40 -2.15 3.53
N GLN E 125 -16.58 -1.10 3.71
CA GLN E 125 -15.25 -1.10 3.14
C GLN E 125 -14.18 -0.73 4.17
N TYR E 126 -14.50 -0.73 5.46
CA TYR E 126 -13.50 -0.44 6.48
C TYR E 126 -12.93 -1.72 7.05
N LYS E 127 -11.76 -1.60 7.68
CA LYS E 127 -11.08 -2.75 8.26
C LYS E 127 -11.01 -2.71 9.78
N SER E 128 -10.57 -1.59 10.36
CA SER E 128 -10.48 -1.50 11.80
C SER E 128 -10.63 -0.04 12.24
N ILE E 129 -11.23 0.15 13.41
CA ILE E 129 -11.40 1.47 14.01
C ILE E 129 -11.25 1.33 15.51
N ASN E 130 -10.59 2.30 16.13
CA ASN E 130 -10.36 2.26 17.57
C ASN E 130 -10.19 3.68 18.07
N VAL E 131 -10.74 3.95 19.27
CA VAL E 131 -10.55 5.20 19.97
C VAL E 131 -10.22 4.90 21.42
N ILE E 132 -9.15 5.51 21.93
CA ILE E 132 -8.66 5.27 23.28
C ILE E 132 -8.30 6.60 23.92
N GLU E 133 -7.95 6.54 25.21
CA GLU E 133 -7.50 7.69 25.97
C GLU E 133 -6.08 7.45 26.43
N VAL E 134 -5.23 8.47 26.27
CA VAL E 134 -3.84 8.42 26.70
C VAL E 134 -3.72 9.21 28.00
N ARG E 135 -3.19 8.55 29.02
CA ARG E 135 -3.09 9.10 30.37
C ARG E 135 -1.65 9.55 30.62
N GLU E 136 -1.48 10.38 31.66
CA GLU E 136 -0.21 11.06 31.90
C GLU E 136 0.95 10.07 31.98
N GLY E 137 2.03 10.41 31.28
CA GLY E 137 3.23 9.60 31.28
C GLY E 137 3.06 8.24 30.62
N GLU E 138 2.41 8.20 29.45
CA GLU E 138 2.16 6.95 28.75
C GLU E 138 2.86 6.88 27.41
N LEU E 139 2.64 7.86 26.54
CA LEU E 139 3.30 7.92 25.24
C LEU E 139 4.70 8.51 25.37
N LEU E 140 5.48 8.43 24.29
CA LEU E 140 6.83 8.98 24.28
C LEU E 140 6.89 10.32 23.56
N LYS E 141 6.47 10.36 22.29
CA LYS E 141 6.52 11.60 21.51
C LYS E 141 5.56 11.45 20.34
N TRP E 142 4.89 12.55 19.99
CA TRP E 142 3.93 12.58 18.90
C TRP E 142 4.34 13.63 17.88
N ASN E 143 4.18 13.29 16.61
CA ASN E 143 4.46 14.22 15.51
C ASN E 143 3.16 14.63 14.85
N ARG E 144 2.98 15.94 14.71
CA ARG E 144 1.78 16.50 14.08
C ARG E 144 1.90 16.61 12.57
N LEU E 145 3.08 16.34 12.00
CA LEU E 145 3.30 16.44 10.56
C LEU E 145 3.23 15.06 9.89
N THR E 146 4.06 14.12 10.34
CA THR E 146 4.13 12.79 9.76
C THR E 146 3.25 11.78 10.49
N GLU E 147 2.51 12.22 11.51
CA GLU E 147 1.65 11.34 12.31
C GLU E 147 2.44 10.19 12.91
N GLU E 148 3.61 10.52 13.46
CA GLU E 148 4.48 9.53 14.10
C GLU E 148 4.19 9.53 15.59
N ILE E 149 3.76 8.39 16.11
CA ILE E 149 3.42 8.24 17.52
C ILE E 149 3.95 6.91 18.03
N GLU E 150 4.53 6.92 19.22
CA GLU E 150 4.98 5.70 19.87
C GLU E 150 4.59 5.75 21.35
N LEU E 151 4.20 4.59 21.87
CA LEU E 151 3.64 4.51 23.22
C LEU E 151 4.20 3.28 23.91
N ASP E 152 4.53 3.44 25.20
CA ASP E 152 5.01 2.35 26.04
C ASP E 152 3.97 2.04 27.11
N LEU E 153 3.56 0.78 27.18
CA LEU E 153 2.52 0.37 28.10
C LEU E 153 3.11 0.05 29.47
N ASP E 154 2.22 -0.19 30.44
CA ASP E 154 2.49 -0.53 31.85
C ASP E 154 3.73 0.15 32.42
N ASN E 155 3.88 1.45 32.16
CA ASN E 155 4.93 2.24 32.78
C ASN E 155 4.34 3.63 33.03
N ASN E 156 3.79 3.83 34.24
CA ASN E 156 3.02 5.03 34.54
C ASN E 156 2.82 5.11 36.05
N THR E 157 2.55 6.32 36.53
CA THR E 157 2.46 6.59 37.95
C THR E 157 1.17 7.31 38.36
N SER E 158 0.59 8.11 37.48
CA SER E 158 -0.57 8.92 37.81
C SER E 158 -1.86 8.18 37.48
N GLU E 159 -3.00 8.82 37.77
CA GLU E 159 -4.31 8.25 37.53
C GLU E 159 -5.25 9.27 36.87
N LYS E 160 -4.69 10.30 36.23
CA LYS E 160 -5.47 11.34 35.59
C LYS E 160 -5.13 11.36 34.10
N VAL E 161 -6.17 11.23 33.26
CA VAL E 161 -5.96 11.20 31.83
C VAL E 161 -5.54 12.59 31.33
N VAL E 162 -4.83 12.62 30.21
CA VAL E 162 -4.36 13.88 29.64
C VAL E 162 -4.78 14.09 28.20
N GLY E 163 -5.12 13.06 27.43
CA GLY E 163 -5.51 13.26 26.05
C GLY E 163 -6.27 12.07 25.51
N TYR E 164 -6.71 12.21 24.26
CA TYR E 164 -7.45 11.16 23.58
C TYR E 164 -6.83 10.92 22.21
N CYS E 165 -6.96 9.68 21.72
CA CYS E 165 -6.38 9.30 20.45
C CYS E 165 -7.32 8.36 19.71
N GLY E 166 -7.13 8.28 18.39
CA GLY E 166 -7.96 7.44 17.56
C GLY E 166 -7.19 6.98 16.34
N TYR E 167 -7.37 5.70 16.00
CA TYR E 167 -6.72 5.06 14.86
C TYR E 167 -7.77 4.40 13.99
N PHE E 168 -7.75 4.70 12.69
CA PHE E 168 -8.74 4.16 11.77
C PHE E 168 -8.05 3.72 10.50
N GLN E 169 -8.17 2.44 10.16
CA GLN E 169 -7.49 1.85 9.01
C GLN E 169 -8.49 1.13 8.13
N LEU E 170 -8.35 1.29 6.81
CA LEU E 170 -9.25 0.73 5.83
C LEU E 170 -8.73 -0.61 5.31
N ILE E 171 -9.54 -1.25 4.47
CA ILE E 171 -9.17 -2.53 3.88
C ILE E 171 -8.13 -2.39 2.79
N ASN E 172 -7.92 -1.19 2.26
CA ASN E 172 -6.95 -0.97 1.20
C ASN E 172 -5.57 -0.56 1.71
N GLY E 173 -5.37 -0.54 3.03
CA GLY E 173 -4.09 -0.20 3.62
C GLY E 173 -3.99 1.22 4.12
N PHE E 174 -4.94 2.08 3.77
CA PHE E 174 -4.90 3.47 4.23
C PHE E 174 -5.21 3.54 5.72
N GLU E 175 -4.44 4.33 6.45
CA GLU E 175 -4.61 4.50 7.89
C GLU E 175 -4.56 5.97 8.25
N LYS E 176 -5.19 6.31 9.37
CA LYS E 176 -5.27 7.68 9.84
C LYS E 176 -5.24 7.71 11.36
N THR E 177 -4.48 8.66 11.91
CA THR E 177 -4.36 8.84 13.35
C THR E 177 -4.77 10.25 13.72
N VAL E 178 -5.51 10.38 14.83
CA VAL E 178 -5.94 11.67 15.35
C VAL E 178 -5.66 11.71 16.84
N TYR E 179 -5.14 12.83 17.32
CA TYR E 179 -4.83 12.97 18.74
C TYR E 179 -5.23 14.36 19.21
N TRP E 180 -5.93 14.42 20.34
CA TRP E 180 -6.43 15.67 20.90
C TRP E 180 -6.08 15.74 22.38
N THR E 181 -5.99 16.98 22.88
CA THR E 181 -5.70 17.26 24.27
C THR E 181 -6.90 17.98 24.90
N ARG E 182 -6.70 18.45 26.14
CA ARG E 182 -7.79 19.09 26.87
C ARG E 182 -8.08 20.50 26.39
N LYS E 183 -7.07 21.19 25.85
CA LYS E 183 -7.27 22.59 25.44
C LYS E 183 -8.28 22.70 24.31
N GLU E 184 -8.14 21.85 23.28
CA GLU E 184 -9.06 21.91 22.16
C GLU E 184 -10.47 21.52 22.58
N ILE E 185 -10.61 20.51 23.44
CA ILE E 185 -11.95 20.08 23.84
C ILE E 185 -12.61 21.13 24.71
N GLU E 186 -11.85 21.82 25.57
CA GLU E 186 -12.47 22.86 26.38
C GLU E 186 -12.83 24.08 25.53
N ALA E 187 -12.00 24.41 24.54
CA ALA E 187 -12.39 25.46 23.61
C ALA E 187 -13.66 25.09 22.85
N HIS E 188 -13.76 23.83 22.41
CA HIS E 188 -14.94 23.40 21.68
C HIS E 188 -16.19 23.44 22.55
N LYS E 189 -16.08 22.99 23.81
CA LYS E 189 -17.26 23.03 24.68
C LYS E 189 -17.65 24.46 25.03
N GLN E 190 -16.68 25.38 25.09
CA GLN E 190 -17.02 26.75 25.44
C GLN E 190 -17.49 27.58 24.25
N LYS E 191 -17.23 27.15 23.01
CA LYS E 191 -17.73 27.92 21.88
C LYS E 191 -18.90 27.26 21.14
N PHE E 192 -19.09 25.95 21.28
CA PHE E 192 -20.14 25.26 20.54
C PHE E 192 -21.19 24.64 21.45
N SER E 193 -20.79 23.95 22.51
CA SER E 193 -21.74 23.25 23.36
C SER E 193 -22.63 24.25 24.11
N LYS E 194 -23.89 23.85 24.30
CA LYS E 194 -24.86 24.68 25.00
C LYS E 194 -25.54 23.94 26.16
N SER E 195 -25.06 22.74 26.49
CA SER E 195 -25.64 21.96 27.57
C SER E 195 -24.56 21.56 28.56
N ASP E 196 -24.94 21.45 29.83
CA ASP E 196 -23.99 21.14 30.88
C ASP E 196 -24.49 20.12 31.89
N PHE E 197 -25.68 19.55 31.71
CA PHE E 197 -26.22 18.63 32.70
C PHE E 197 -25.42 17.32 32.73
N GLY E 198 -24.97 16.86 31.57
CA GLY E 198 -24.22 15.60 31.51
C GLY E 198 -22.75 15.73 31.82
N TRP E 199 -22.21 16.96 31.83
CA TRP E 199 -20.79 17.13 32.06
C TRP E 199 -20.41 16.81 33.49
N LYS E 200 -21.31 17.03 34.44
CA LYS E 200 -21.00 16.72 35.84
C LYS E 200 -21.07 15.23 36.12
N LYS E 201 -21.97 14.50 35.44
CA LYS E 201 -22.09 13.07 35.67
C LYS E 201 -20.86 12.32 35.18
N ASP E 202 -20.38 12.64 33.98
CA ASP E 202 -19.17 12.03 33.44
C ASP E 202 -18.44 13.08 32.62
N TYR E 203 -17.16 12.83 32.38
CA TYR E 203 -16.29 13.80 31.72
C TYR E 203 -15.76 13.33 30.36
N ASP E 204 -15.73 12.02 30.10
CA ASP E 204 -15.06 11.51 28.93
C ASP E 204 -15.99 11.02 27.82
N ALA E 205 -17.17 10.48 28.17
CA ALA E 205 -18.00 9.81 27.18
C ALA E 205 -18.43 10.76 26.07
N MET E 206 -18.90 11.96 26.43
CA MET E 206 -19.31 12.92 25.42
C MET E 206 -18.13 13.44 24.62
N ALA E 207 -16.95 13.56 25.23
CA ALA E 207 -15.76 13.91 24.47
C ALA E 207 -15.47 12.86 23.41
N LYS E 208 -15.58 11.58 23.79
CA LYS E 208 -15.37 10.50 22.83
C LYS E 208 -16.39 10.56 21.70
N LYS E 209 -17.67 10.79 22.04
CA LYS E 209 -18.69 10.82 21.00
C LYS E 209 -18.48 11.98 20.04
N THR E 210 -18.03 13.13 20.55
CA THR E 210 -17.70 14.25 19.67
C THR E 210 -16.51 13.90 18.77
N VAL E 211 -15.49 13.23 19.32
CA VAL E 211 -14.35 12.84 18.52
C VAL E 211 -14.79 11.92 17.38
N LEU E 212 -15.62 10.92 17.71
CA LEU E 212 -16.11 9.99 16.70
C LEU E 212 -16.93 10.71 15.64
N ARG E 213 -17.85 11.58 16.05
CA ARG E 213 -18.72 12.21 15.07
C ARG E 213 -17.92 13.12 14.14
N ASN E 214 -16.97 13.90 14.68
CA ASN E 214 -16.15 14.74 13.82
C ASN E 214 -15.27 13.93 12.87
N MET E 215 -14.62 12.88 13.38
CA MET E 215 -13.70 12.11 12.54
C MET E 215 -14.47 11.36 11.45
N LEU E 216 -15.66 10.85 11.77
CA LEU E 216 -16.50 10.23 10.75
C LEU E 216 -17.01 11.29 9.77
N SER E 217 -17.23 12.51 10.23
CA SER E 217 -17.86 13.51 9.38
C SER E 217 -16.90 14.04 8.33
N LYS E 218 -15.75 14.58 8.77
CA LYS E 218 -14.99 15.42 7.83
C LYS E 218 -14.02 14.59 6.99
N TRP E 219 -13.57 13.43 7.48
CA TRP E 219 -12.87 12.46 6.64
C TRP E 219 -13.74 11.32 6.14
N GLY E 220 -14.60 10.75 6.97
CA GLY E 220 -15.21 9.47 6.66
C GLY E 220 -16.13 9.54 5.45
N ILE E 221 -16.16 8.45 4.69
CA ILE E 221 -17.02 8.32 3.53
C ILE E 221 -18.37 7.79 3.99
N LEU E 222 -19.44 8.28 3.37
CA LEU E 222 -20.80 7.90 3.72
C LEU E 222 -21.51 7.35 2.49
N SER E 223 -22.39 6.38 2.72
CA SER E 223 -23.18 5.77 1.65
C SER E 223 -24.62 5.61 2.12
N ILE E 224 -25.53 5.59 1.16
CA ILE E 224 -26.95 5.44 1.46
C ILE E 224 -27.50 4.17 0.81
N TYR F 113 -29.78 -10.43 28.52
CA TYR F 113 -28.84 -10.55 27.41
C TYR F 113 -29.43 -11.39 26.29
N LYS F 114 -30.22 -12.39 26.67
CA LYS F 114 -30.81 -13.29 25.69
C LYS F 114 -31.62 -12.52 24.65
N GLY F 115 -32.21 -11.40 25.04
CA GLY F 115 -32.84 -10.53 24.05
C GLY F 115 -31.83 -9.96 23.07
N TYR F 116 -30.66 -9.59 23.56
CA TYR F 116 -29.61 -9.07 22.67
C TYR F 116 -29.15 -10.14 21.69
N ILE F 117 -28.95 -11.38 22.16
CA ILE F 117 -28.60 -12.45 21.24
C ILE F 117 -29.73 -12.73 20.25
N GLN F 118 -30.98 -12.66 20.72
CA GLN F 118 -32.11 -12.86 19.82
C GLN F 118 -32.13 -11.80 18.72
N LEU F 119 -31.91 -10.54 19.08
CA LEU F 119 -31.87 -9.47 18.08
C LEU F 119 -30.69 -9.66 17.14
N ALA F 120 -29.55 -10.09 17.66
CA ALA F 120 -28.38 -10.32 16.81
C ALA F 120 -28.65 -11.41 15.79
N LEU F 121 -29.28 -12.52 16.22
CA LEU F 121 -29.62 -13.57 15.28
C LEU F 121 -30.66 -13.11 14.27
N ARG F 122 -31.66 -12.34 14.71
CA ARG F 122 -32.67 -11.84 13.79
C ARG F 122 -32.11 -10.80 12.82
N THR F 123 -30.97 -10.20 13.15
CA THR F 123 -30.35 -9.23 12.25
C THR F 123 -29.91 -9.91 10.95
N GLY F 124 -29.19 -11.02 11.07
CA GLY F 124 -28.80 -11.83 9.92
C GLY F 124 -27.80 -11.21 8.97
N GLN F 125 -26.83 -10.44 9.50
CA GLN F 125 -25.72 -9.97 8.68
C GLN F 125 -24.36 -10.25 9.32
N TYR F 126 -24.30 -11.09 10.34
CA TYR F 126 -23.03 -11.43 10.95
C TYR F 126 -22.48 -12.73 10.37
N LYS F 127 -21.18 -12.94 10.53
CA LYS F 127 -20.52 -14.14 10.01
C LYS F 127 -20.01 -15.06 11.11
N SER F 128 -19.28 -14.55 12.09
CA SER F 128 -18.75 -15.38 13.16
C SER F 128 -18.57 -14.56 14.42
N ILE F 129 -18.78 -15.20 15.57
CA ILE F 129 -18.59 -14.59 16.87
C ILE F 129 -18.03 -15.65 17.82
N ASN F 130 -17.09 -15.23 18.67
CA ASN F 130 -16.47 -16.16 19.60
C ASN F 130 -15.97 -15.38 20.81
N VAL F 131 -16.11 -15.98 21.98
CA VAL F 131 -15.55 -15.45 23.22
C VAL F 131 -14.86 -16.59 23.96
N ILE F 132 -13.62 -16.35 24.39
CA ILE F 132 -12.80 -17.35 25.05
C ILE F 132 -12.09 -16.70 26.24
N GLU F 133 -11.40 -17.55 27.00
CA GLU F 133 -10.59 -17.11 28.13
C GLU F 133 -9.14 -17.47 27.88
N VAL F 134 -8.25 -16.51 28.14
CA VAL F 134 -6.81 -16.70 27.99
C VAL F 134 -6.21 -16.92 29.37
N ARG F 135 -5.51 -18.03 29.53
CA ARG F 135 -4.95 -18.46 30.80
C ARG F 135 -3.45 -18.15 30.83
N GLU F 136 -2.88 -18.17 32.04
CA GLU F 136 -1.51 -17.69 32.24
C GLU F 136 -0.53 -18.39 31.32
N GLY F 137 0.35 -17.60 30.70
CA GLY F 137 1.37 -18.12 29.81
C GLY F 137 0.84 -18.76 28.55
N GLU F 138 -0.12 -18.10 27.89
CA GLU F 138 -0.73 -18.63 26.68
C GLU F 138 -0.46 -17.76 25.46
N LEU F 139 -0.79 -16.48 25.53
CA LEU F 139 -0.54 -15.55 24.43
C LEU F 139 0.91 -15.07 24.47
N LEU F 140 1.32 -14.38 23.40
CA LEU F 140 2.67 -13.83 23.31
C LEU F 140 2.71 -12.34 23.63
N LYS F 141 1.96 -11.54 22.88
CA LYS F 141 1.93 -10.10 23.09
C LYS F 141 0.66 -9.54 22.45
N TRP F 142 0.08 -8.53 23.10
CA TRP F 142 -1.14 -7.90 22.63
C TRP F 142 -0.91 -6.41 22.44
N ASN F 143 -1.47 -5.86 21.37
CA ASN F 143 -1.40 -4.44 21.07
C ASN F 143 -2.77 -3.81 21.26
N ARG F 144 -2.80 -2.73 22.04
CA ARG F 144 -4.04 -2.01 22.30
C ARG F 144 -4.35 -0.94 21.26
N LEU F 145 -3.43 -0.70 20.33
CA LEU F 145 -3.63 0.32 19.29
C LEU F 145 -4.07 -0.31 17.96
N THR F 146 -3.28 -1.25 17.44
CA THR F 146 -3.58 -1.89 16.17
C THR F 146 -4.32 -3.21 16.33
N GLU F 147 -4.67 -3.59 17.56
CA GLU F 147 -5.38 -4.84 17.84
C GLU F 147 -4.61 -6.05 17.31
N GLU F 148 -3.30 -6.04 17.54
CA GLU F 148 -2.42 -7.13 17.12
C GLU F 148 -2.26 -8.10 18.27
N ILE F 149 -2.67 -9.35 18.07
CA ILE F 149 -2.61 -10.38 19.09
C ILE F 149 -2.15 -11.68 18.45
N GLU F 150 -1.25 -12.39 19.12
CA GLU F 150 -0.81 -13.69 18.68
C GLU F 150 -0.73 -14.63 19.88
N LEU F 151 -1.11 -15.89 19.66
CA LEU F 151 -1.26 -16.85 20.73
C LEU F 151 -0.70 -18.19 20.29
N ASP F 152 0.00 -18.85 21.21
CA ASP F 152 0.56 -20.19 20.97
C ASP F 152 -0.16 -21.19 21.86
N LEU F 153 -0.70 -22.24 21.26
CA LEU F 153 -1.47 -23.23 21.97
C LEU F 153 -0.55 -24.30 22.57
N ASP F 154 -1.15 -25.17 23.39
CA ASP F 154 -0.54 -26.31 24.10
C ASP F 154 0.90 -26.05 24.56
N ASN F 155 1.13 -24.87 25.13
CA ASN F 155 2.42 -24.56 25.76
C ASN F 155 2.11 -23.72 27.00
N ASN F 156 1.98 -24.38 28.14
CA ASN F 156 1.49 -23.73 29.35
C ASN F 156 1.75 -24.64 30.53
N THR F 157 1.80 -24.03 31.73
CA THR F 157 2.16 -24.74 32.94
C THR F 157 1.16 -24.57 34.08
N SER F 158 0.46 -23.43 34.13
CA SER F 158 -0.44 -23.12 35.23
C SER F 158 -1.86 -23.59 34.93
N GLU F 159 -2.76 -23.37 35.88
CA GLU F 159 -4.16 -23.78 35.77
C GLU F 159 -5.09 -22.66 36.22
N LYS F 160 -4.60 -21.41 36.24
CA LYS F 160 -5.39 -20.26 36.68
C LYS F 160 -5.50 -19.29 35.52
N VAL F 161 -6.74 -18.93 35.17
CA VAL F 161 -6.96 -18.02 34.05
C VAL F 161 -6.53 -16.61 34.44
N VAL F 162 -6.17 -15.82 33.43
CA VAL F 162 -5.71 -14.44 33.68
C VAL F 162 -6.51 -13.40 32.90
N GLY F 163 -7.20 -13.74 31.81
CA GLY F 163 -7.94 -12.73 31.08
C GLY F 163 -8.97 -13.36 30.18
N TYR F 164 -9.73 -12.50 29.51
CA TYR F 164 -10.77 -12.93 28.58
C TYR F 164 -10.61 -12.19 27.27
N CYS F 165 -11.04 -12.83 26.18
CA CYS F 165 -10.91 -12.26 24.84
C CYS F 165 -12.14 -12.60 24.02
N GLY F 166 -12.36 -11.80 22.98
CA GLY F 166 -13.49 -11.99 22.10
C GLY F 166 -13.18 -11.50 20.70
N TYR F 167 -13.63 -12.28 19.71
CA TYR F 167 -13.42 -11.98 18.31
C TYR F 167 -14.76 -12.03 17.58
N PHE F 168 -15.08 -10.97 16.85
CA PHE F 168 -16.35 -10.88 16.15
C PHE F 168 -16.13 -10.34 14.74
N GLN F 169 -16.52 -11.12 13.74
CA GLN F 169 -16.28 -10.78 12.34
C GLN F 169 -17.57 -10.86 11.56
N LEU F 170 -17.79 -9.89 10.69
CA LEU F 170 -19.02 -9.77 9.91
C LEU F 170 -18.85 -10.41 8.53
N ILE F 171 -19.95 -10.44 7.78
CA ILE F 171 -19.95 -11.01 6.45
C ILE F 171 -19.26 -10.13 5.43
N ASN F 172 -19.05 -8.85 5.74
CA ASN F 172 -18.40 -7.92 4.83
C ASN F 172 -16.90 -7.82 5.02
N GLY F 173 -16.33 -8.64 5.91
CA GLY F 173 -14.90 -8.64 6.16
C GLY F 173 -14.46 -7.85 7.37
N PHE F 174 -15.34 -7.05 7.96
CA PHE F 174 -14.98 -6.28 9.15
C PHE F 174 -14.84 -7.21 10.35
N GLU F 175 -13.78 -6.99 11.13
CA GLU F 175 -13.51 -7.80 12.31
C GLU F 175 -13.16 -6.89 13.49
N LYS F 176 -13.39 -7.40 14.69
CA LYS F 176 -13.14 -6.65 15.91
C LYS F 176 -12.67 -7.61 17.00
N THR F 177 -11.67 -7.17 17.77
CA THR F 177 -11.11 -7.93 18.87
C THR F 177 -11.20 -7.12 20.15
N VAL F 178 -11.55 -7.79 21.25
CA VAL F 178 -11.64 -7.17 22.56
C VAL F 178 -10.95 -8.07 23.57
N TYR F 179 -10.15 -7.47 24.45
CA TYR F 179 -9.44 -8.23 25.46
C TYR F 179 -9.49 -7.51 26.79
N TRP F 180 -9.83 -8.23 27.85
CA TRP F 180 -9.97 -7.67 29.18
C TRP F 180 -9.20 -8.53 30.18
N THR F 181 -8.80 -7.90 31.29
CA THR F 181 -8.08 -8.55 32.38
C THR F 181 -8.93 -8.50 33.64
N ARG F 182 -8.34 -8.91 34.77
CA ARG F 182 -9.06 -8.98 36.03
C ARG F 182 -9.28 -7.61 36.66
N LYS F 183 -8.39 -6.65 36.40
CA LYS F 183 -8.50 -5.34 37.04
C LYS F 183 -9.78 -4.62 36.61
N GLU F 184 -10.05 -4.60 35.30
CA GLU F 184 -11.25 -3.93 34.82
C GLU F 184 -12.52 -4.60 35.31
N ILE F 185 -12.53 -5.93 35.34
CA ILE F 185 -13.74 -6.64 35.76
C ILE F 185 -13.98 -6.44 37.25
N GLU F 186 -12.92 -6.40 38.06
CA GLU F 186 -13.12 -6.17 39.49
C GLU F 186 -13.55 -4.73 39.76
N ALA F 187 -13.01 -3.77 39.00
CA ALA F 187 -13.50 -2.40 39.11
C ALA F 187 -14.97 -2.32 38.73
N HIS F 188 -15.36 -3.01 37.66
CA HIS F 188 -16.75 -2.98 37.23
C HIS F 188 -17.68 -3.61 38.26
N LYS F 189 -17.28 -4.73 38.85
CA LYS F 189 -18.14 -5.35 39.85
C LYS F 189 -18.21 -4.52 41.11
N GLN F 190 -17.15 -3.77 41.44
CA GLN F 190 -17.18 -2.98 42.66
C GLN F 190 -17.87 -1.63 42.48
N LYS F 191 -18.04 -1.14 41.24
CA LYS F 191 -18.72 0.13 41.06
C LYS F 191 -20.13 -0.01 40.48
N PHE F 192 -20.46 -1.12 39.81
CA PHE F 192 -21.76 -1.26 39.17
C PHE F 192 -22.58 -2.40 39.76
N SER F 193 -21.98 -3.58 39.96
CA SER F 193 -22.73 -4.73 40.43
C SER F 193 -23.23 -4.52 41.86
N LYS F 194 -24.41 -5.05 42.14
CA LYS F 194 -25.02 -4.95 43.46
C LYS F 194 -25.43 -6.30 44.02
N SER F 195 -25.04 -7.40 43.37
CA SER F 195 -25.39 -8.73 43.82
C SER F 195 -24.12 -9.58 43.95
N ASP F 196 -24.14 -10.50 44.90
CA ASP F 196 -22.97 -11.33 45.18
C ASP F 196 -23.29 -12.81 45.41
N PHE F 197 -24.56 -13.22 45.29
CA PHE F 197 -24.90 -14.61 45.58
C PHE F 197 -24.31 -15.56 44.54
N GLY F 198 -24.29 -15.14 43.26
CA GLY F 198 -23.76 -16.00 42.22
C GLY F 198 -22.26 -15.97 42.06
N TRP F 199 -21.59 -15.00 42.67
CA TRP F 199 -20.14 -14.88 42.51
C TRP F 199 -19.41 -16.01 43.21
N LYS F 200 -19.96 -16.52 44.30
CA LYS F 200 -19.32 -17.62 45.02
C LYS F 200 -19.50 -18.95 44.30
N LYS F 201 -20.64 -19.15 43.63
CA LYS F 201 -20.89 -20.41 42.94
C LYS F 201 -19.95 -20.57 41.73
N ASP F 202 -19.81 -19.52 40.93
CA ASP F 202 -18.90 -19.53 39.80
C ASP F 202 -18.31 -18.14 39.64
N TYR F 203 -17.19 -18.07 38.91
CA TYR F 203 -16.43 -16.85 38.77
C TYR F 203 -16.40 -16.29 37.36
N ASP F 204 -16.61 -17.13 36.34
CA ASP F 204 -16.38 -16.71 34.97
C ASP F 204 -17.65 -16.46 34.16
N ALA F 205 -18.74 -17.19 34.43
CA ALA F 205 -19.90 -17.15 33.55
C ALA F 205 -20.51 -15.75 33.50
N MET F 206 -20.67 -15.10 34.65
CA MET F 206 -21.24 -13.76 34.66
C MET F 206 -20.27 -12.74 34.05
N ALA F 207 -18.96 -12.95 34.21
CA ALA F 207 -18.01 -12.08 33.51
C ALA F 207 -18.19 -12.20 32.00
N LYS F 208 -18.35 -13.43 31.50
CA LYS F 208 -18.57 -13.62 30.07
C LYS F 208 -19.86 -12.96 29.62
N LYS F 209 -20.94 -13.10 30.40
CA LYS F 209 -22.21 -12.50 29.99
C LYS F 209 -22.13 -10.98 29.97
N THR F 210 -21.41 -10.39 30.92
CA THR F 210 -21.19 -8.94 30.88
C THR F 210 -20.38 -8.54 29.66
N VAL F 211 -19.34 -9.31 29.33
CA VAL F 211 -18.54 -8.99 28.15
C VAL F 211 -19.42 -9.02 26.90
N LEU F 212 -20.23 -10.06 26.76
CA LEU F 212 -21.11 -10.17 25.60
C LEU F 212 -22.10 -9.02 25.54
N ARG F 213 -22.75 -8.70 26.68
CA ARG F 213 -23.77 -7.65 26.63
C ARG F 213 -23.15 -6.29 26.29
N ASN F 214 -21.99 -5.97 26.87
CA ASN F 214 -21.35 -4.70 26.54
C ASN F 214 -20.89 -4.64 25.09
N MET F 215 -20.27 -5.71 24.58
CA MET F 215 -19.76 -5.70 23.22
C MET F 215 -20.89 -5.65 22.21
N LEU F 216 -22.00 -6.35 22.48
CA LEU F 216 -23.18 -6.23 21.63
C LEU F 216 -23.80 -4.85 21.74
N SER F 217 -23.72 -4.22 22.91
CA SER F 217 -24.42 -2.96 23.13
C SER F 217 -23.73 -1.81 22.42
N LYS F 218 -22.45 -1.58 22.70
CA LYS F 218 -21.89 -0.28 22.33
C LYS F 218 -21.32 -0.29 20.91
N TRP F 219 -20.92 -1.46 20.39
CA TRP F 219 -20.62 -1.60 18.96
C TRP F 219 -21.75 -2.23 18.15
N GLY F 220 -22.39 -3.27 18.67
CA GLY F 220 -23.25 -4.10 17.83
C GLY F 220 -24.45 -3.35 17.29
N ILE F 221 -24.85 -3.71 16.07
CA ILE F 221 -26.02 -3.15 15.43
C ILE F 221 -27.23 -3.96 15.83
N LEU F 222 -28.36 -3.28 16.03
CA LEU F 222 -29.60 -3.92 16.45
C LEU F 222 -30.71 -3.60 15.45
N SER F 223 -31.61 -4.57 15.28
CA SER F 223 -32.73 -4.42 14.38
C SER F 223 -33.99 -4.97 15.05
N ILE F 224 -35.14 -4.45 14.63
CA ILE F 224 -36.41 -4.88 15.19
C ILE F 224 -37.29 -5.48 14.10
N TYR G 113 -33.81 -33.33 27.34
CA TYR G 113 -33.24 -32.77 26.13
C TYR G 113 -34.24 -32.84 24.98
N LYS G 114 -35.04 -33.91 24.98
CA LYS G 114 -36.02 -34.11 23.91
C LYS G 114 -36.95 -32.92 23.79
N GLY G 115 -37.23 -32.23 24.90
CA GLY G 115 -37.98 -30.98 24.81
C GLY G 115 -37.21 -29.91 24.05
N TYR G 116 -35.89 -29.85 24.26
CA TYR G 116 -35.08 -28.89 23.52
C TYR G 116 -35.08 -29.18 22.03
N ILE G 117 -34.95 -30.45 21.65
CA ILE G 117 -35.02 -30.79 20.23
C ILE G 117 -36.42 -30.51 19.68
N GLN G 118 -37.47 -30.75 20.48
CA GLN G 118 -38.82 -30.45 20.03
C GLN G 118 -38.99 -28.95 19.76
N LEU G 119 -38.49 -28.11 20.68
CA LEU G 119 -38.57 -26.67 20.48
C LEU G 119 -37.74 -26.23 19.28
N ALA G 120 -36.57 -26.85 19.07
CA ALA G 120 -35.74 -26.51 17.92
C ALA G 120 -36.45 -26.84 16.61
N LEU G 121 -37.09 -28.00 16.54
CA LEU G 121 -37.84 -28.35 15.34
C LEU G 121 -39.04 -27.43 15.14
N ARG G 122 -39.75 -27.09 16.22
CA ARG G 122 -40.88 -26.19 16.11
C ARG G 122 -40.46 -24.77 15.76
N THR G 123 -39.19 -24.41 15.99
CA THR G 123 -38.72 -23.08 15.62
C THR G 123 -38.77 -22.88 14.12
N GLY G 124 -38.23 -23.83 13.36
CA GLY G 124 -38.30 -23.83 11.91
C GLY G 124 -37.52 -22.74 11.20
N GLN G 125 -36.34 -22.38 11.72
CA GLN G 125 -35.44 -21.48 11.00
C GLN G 125 -34.02 -22.02 10.92
N TYR G 126 -33.80 -23.30 11.22
CA TYR G 126 -32.48 -23.88 11.09
C TYR G 126 -32.32 -24.60 9.76
N LYS G 127 -31.08 -24.81 9.36
CA LYS G 127 -30.78 -25.47 8.09
C LYS G 127 -30.13 -26.84 8.26
N SER G 128 -29.08 -26.95 9.07
CA SER G 128 -28.41 -28.22 9.26
C SER G 128 -27.76 -28.26 10.64
N ILE G 129 -27.73 -29.45 11.23
CA ILE G 129 -27.10 -29.69 12.52
C ILE G 129 -26.46 -31.07 12.49
N ASN G 130 -25.27 -31.19 13.07
CA ASN G 130 -24.55 -32.46 13.09
C ASN G 130 -23.62 -32.49 14.29
N VAL G 131 -23.52 -33.66 14.91
CA VAL G 131 -22.56 -33.91 15.98
C VAL G 131 -21.87 -35.24 15.71
N ILE G 132 -20.55 -35.23 15.77
CA ILE G 132 -19.73 -36.41 15.47
C ILE G 132 -18.63 -36.52 16.52
N GLU G 133 -17.89 -37.63 16.43
CA GLU G 133 -16.74 -37.87 17.29
C GLU G 133 -15.49 -37.97 16.43
N VAL G 134 -14.42 -37.31 16.88
CA VAL G 134 -13.14 -37.33 16.19
C VAL G 134 -12.22 -38.28 16.96
N ARG G 135 -11.67 -39.25 16.24
CA ARG G 135 -10.85 -40.30 16.81
C ARG G 135 -9.38 -40.02 16.53
N GLU G 136 -8.50 -40.69 17.27
CA GLU G 136 -7.08 -40.37 17.27
C GLU G 136 -6.50 -40.37 15.85
N GLY G 137 -5.73 -39.35 15.53
CA GLY G 137 -5.09 -39.23 14.24
C GLY G 137 -6.05 -39.05 13.08
N GLU G 138 -7.04 -38.18 13.24
CA GLU G 138 -8.04 -37.93 12.21
C GLU G 138 -7.99 -36.53 11.66
N LEU G 139 -8.09 -35.51 12.52
CA LEU G 139 -8.01 -34.12 12.10
C LEU G 139 -6.56 -33.69 11.94
N LEU G 140 -6.36 -32.50 11.37
CA LEU G 140 -5.02 -31.95 11.17
C LEU G 140 -4.67 -30.91 12.23
N LYS G 141 -5.47 -29.85 12.33
CA LYS G 141 -5.22 -28.79 13.30
C LYS G 141 -6.51 -28.01 13.51
N TRP G 142 -6.73 -27.58 14.75
CA TRP G 142 -7.92 -26.84 15.12
C TRP G 142 -7.53 -25.50 15.73
N ASN G 143 -8.28 -24.45 15.38
CA ASN G 143 -8.07 -23.12 15.91
C ASN G 143 -9.23 -22.76 16.85
N ARG G 144 -8.88 -22.32 18.04
CA ARG G 144 -9.87 -21.93 19.05
C ARG G 144 -10.29 -20.47 18.92
N LEU G 145 -9.65 -19.70 18.05
CA LEU G 145 -9.97 -18.29 17.86
C LEU G 145 -10.85 -18.07 16.63
N THR G 146 -10.39 -18.50 15.47
CA THR G 146 -11.12 -18.32 14.22
C THR G 146 -11.99 -19.51 13.85
N GLU G 147 -12.03 -20.54 14.71
CA GLU G 147 -12.81 -21.75 14.46
C GLU G 147 -12.42 -22.41 13.14
N GLU G 148 -11.11 -22.48 12.91
CA GLU G 148 -10.56 -23.10 11.71
C GLU G 148 -10.23 -24.56 12.01
N ILE G 149 -10.88 -25.47 11.29
CA ILE G 149 -10.69 -26.91 11.49
C ILE G 149 -10.63 -27.59 10.13
N GLU G 150 -9.70 -28.52 9.99
CA GLU G 150 -9.60 -29.33 8.77
C GLU G 150 -9.33 -30.77 9.15
N LEU G 151 -9.95 -31.69 8.42
CA LEU G 151 -9.93 -33.10 8.76
C LEU G 151 -9.72 -33.93 7.51
N ASP G 152 -8.90 -34.97 7.62
CA ASP G 152 -8.65 -35.90 6.53
C ASP G 152 -9.23 -37.26 6.90
N LEU G 153 -10.07 -37.79 6.02
CA LEU G 153 -10.75 -39.06 6.27
C LEU G 153 -9.88 -40.24 5.85
N ASP G 154 -10.35 -41.44 6.19
CA ASP G 154 -9.75 -42.75 5.91
C ASP G 154 -8.22 -42.74 5.95
N ASN G 155 -7.65 -42.11 6.98
CA ASN G 155 -6.21 -42.16 7.23
C ASN G 155 -6.03 -42.18 8.74
N ASN G 156 -5.93 -43.38 9.30
CA ASN G 156 -5.95 -43.55 10.75
C ASN G 156 -5.52 -44.98 11.08
N THR G 157 -5.05 -45.16 12.32
CA THR G 157 -4.47 -46.42 12.75
C THR G 157 -5.07 -46.96 14.05
N SER G 158 -5.56 -46.08 14.93
CA SER G 158 -6.04 -46.49 16.24
C SER G 158 -7.54 -46.76 16.18
N GLU G 159 -8.10 -47.16 17.33
CA GLU G 159 -9.51 -47.46 17.46
C GLU G 159 -10.11 -46.85 18.73
N LYS G 160 -9.45 -45.83 19.28
CA LYS G 160 -9.90 -45.15 20.48
C LYS G 160 -10.18 -43.70 20.18
N VAL G 161 -11.39 -43.24 20.48
CA VAL G 161 -11.79 -41.87 20.20
C VAL G 161 -11.06 -40.92 21.14
N VAL G 162 -10.86 -39.68 20.70
CA VAL G 162 -10.16 -38.68 21.49
C VAL G 162 -10.97 -37.41 21.73
N GLY G 163 -11.98 -37.10 20.91
CA GLY G 163 -12.73 -35.88 21.13
C GLY G 163 -14.06 -35.92 20.43
N TYR G 164 -14.84 -34.86 20.62
CA TYR G 164 -16.15 -34.72 20.00
C TYR G 164 -16.26 -33.35 19.34
N CYS G 165 -17.06 -33.28 18.28
CA CYS G 165 -17.22 -32.05 17.53
C CYS G 165 -18.68 -31.89 17.09
N GLY G 166 -19.05 -30.65 16.79
CA GLY G 166 -20.40 -30.34 16.37
C GLY G 166 -20.43 -29.14 15.47
N TYR G 167 -21.24 -29.23 14.41
CA TYR G 167 -21.39 -28.17 13.43
C TYR G 167 -22.87 -27.85 13.27
N PHE G 168 -23.22 -26.57 13.38
CA PHE G 168 -24.61 -26.15 13.30
C PHE G 168 -24.71 -24.90 12.44
N GLN G 169 -25.48 -24.99 11.35
CA GLN G 169 -25.59 -23.89 10.39
C GLN G 169 -27.06 -23.56 10.15
N LEU G 170 -27.35 -22.27 10.09
CA LEU G 170 -28.72 -21.77 9.94
C LEU G 170 -29.05 -21.51 8.47
N ILE G 171 -30.31 -21.15 8.23
CA ILE G 171 -30.76 -20.85 6.87
C ILE G 171 -30.26 -19.52 6.36
N ASN G 172 -29.77 -18.64 7.24
CA ASN G 172 -29.28 -17.33 6.84
C ASN G 172 -27.78 -17.31 6.57
N GLY G 173 -27.11 -18.46 6.63
CA GLY G 173 -25.70 -18.55 6.37
C GLY G 173 -24.82 -18.59 7.60
N PHE G 174 -25.36 -18.30 8.77
CA PHE G 174 -24.58 -18.32 9.99
C PHE G 174 -24.24 -19.76 10.36
N GLU G 175 -22.99 -20.00 10.76
CA GLU G 175 -22.52 -21.32 11.14
C GLU G 175 -21.74 -21.23 12.43
N LYS G 176 -21.68 -22.36 13.15
CA LYS G 176 -20.98 -22.43 14.43
C LYS G 176 -20.38 -23.82 14.59
N THR G 177 -19.16 -23.85 15.12
CA THR G 177 -18.43 -25.08 15.36
C THR G 177 -18.03 -25.15 16.82
N VAL G 178 -18.17 -26.34 17.41
CA VAL G 178 -17.78 -26.59 18.80
C VAL G 178 -16.98 -27.87 18.86
N TYR G 179 -15.89 -27.86 19.63
CA TYR G 179 -15.05 -29.04 19.75
C TYR G 179 -14.61 -29.19 21.20
N TRP G 180 -14.75 -30.41 21.71
CA TRP G 180 -14.41 -30.72 23.10
C TRP G 180 -13.53 -31.97 23.16
N THR G 181 -12.76 -32.07 24.23
CA THR G 181 -11.87 -33.19 24.49
C THR G 181 -12.31 -33.90 25.77
N ARG G 182 -11.50 -34.86 26.21
CA ARG G 182 -11.85 -35.67 27.37
C ARG G 182 -11.67 -34.90 28.69
N LYS G 183 -10.76 -33.93 28.74
CA LYS G 183 -10.48 -33.23 29.99
C LYS G 183 -11.69 -32.45 30.45
N GLU G 184 -12.32 -31.70 29.55
CA GLU G 184 -13.48 -30.90 29.92
C GLU G 184 -14.65 -31.79 30.34
N ILE G 185 -14.87 -32.90 29.61
CA ILE G 185 -15.99 -33.77 29.94
C ILE G 185 -15.78 -34.47 31.28
N GLU G 186 -14.54 -34.85 31.60
CA GLU G 186 -14.29 -35.49 32.88
C GLU G 186 -14.41 -34.47 34.02
N ALA G 187 -13.96 -33.24 33.79
CA ALA G 187 -14.18 -32.20 34.79
C ALA G 187 -15.67 -31.96 35.01
N HIS G 188 -16.45 -31.93 33.93
CA HIS G 188 -17.88 -31.71 34.04
C HIS G 188 -18.57 -32.85 34.79
N LYS G 189 -18.20 -34.10 34.50
CA LYS G 189 -18.82 -35.21 35.20
C LYS G 189 -18.41 -35.24 36.66
N GLN G 190 -17.20 -34.79 36.99
CA GLN G 190 -16.77 -34.83 38.38
C GLN G 190 -17.26 -33.64 39.20
N LYS G 191 -17.69 -32.54 38.56
CA LYS G 191 -18.21 -31.42 39.34
C LYS G 191 -19.72 -31.26 39.27
N PHE G 192 -20.39 -31.80 38.25
CA PHE G 192 -21.82 -31.61 38.09
C PHE G 192 -22.61 -32.90 38.17
N SER G 193 -22.17 -33.95 37.48
CA SER G 193 -22.92 -35.19 37.44
C SER G 193 -22.96 -35.85 38.82
N LYS G 194 -24.08 -36.50 39.12
CA LYS G 194 -24.28 -37.19 40.39
C LYS G 194 -24.72 -38.64 40.21
N SER G 195 -24.69 -39.16 38.98
CA SER G 195 -25.09 -40.53 38.69
C SER G 195 -23.99 -41.23 37.93
N ASP G 196 -23.88 -42.54 38.16
CA ASP G 196 -22.82 -43.34 37.54
C ASP G 196 -23.29 -44.68 37.01
N PHE G 197 -24.58 -45.00 37.09
CA PHE G 197 -25.03 -46.33 36.66
C PHE G 197 -24.91 -46.48 35.14
N GLY G 198 -25.18 -45.41 34.39
CA GLY G 198 -25.12 -45.50 32.94
C GLY G 198 -23.73 -45.33 32.36
N TRP G 199 -22.77 -44.86 33.15
CA TRP G 199 -21.43 -44.61 32.64
C TRP G 199 -20.71 -45.92 32.32
N LYS G 200 -21.01 -46.99 33.06
CA LYS G 200 -20.35 -48.27 32.79
C LYS G 200 -20.94 -48.96 31.57
N LYS G 201 -22.24 -48.78 31.31
CA LYS G 201 -22.86 -49.42 30.15
C LYS G 201 -22.33 -48.83 28.84
N ASP G 202 -22.26 -47.51 28.75
CA ASP G 202 -21.72 -46.84 27.58
C ASP G 202 -20.99 -45.58 28.04
N TYR G 203 -20.12 -45.08 27.16
CA TYR G 203 -19.25 -43.95 27.49
C TYR G 203 -19.53 -42.69 26.69
N ASP G 204 -20.14 -42.80 25.52
CA ASP G 204 -20.25 -41.67 24.61
C ASP G 204 -21.64 -41.05 24.53
N ALA G 205 -22.71 -41.85 24.68
CA ALA G 205 -24.05 -41.36 24.41
C ALA G 205 -24.44 -40.19 25.31
N MET G 206 -24.17 -40.34 26.61
CA MET G 206 -24.49 -39.26 27.54
C MET G 206 -23.60 -38.04 27.33
N ALA G 207 -22.34 -38.25 26.92
CA ALA G 207 -21.50 -37.11 26.55
C ALA G 207 -22.11 -36.34 25.38
N LYS G 208 -22.60 -37.07 24.37
CA LYS G 208 -23.24 -36.43 23.23
C LYS G 208 -24.49 -35.67 23.67
N LYS G 209 -25.30 -36.27 24.53
CA LYS G 209 -26.54 -35.59 24.94
C LYS G 209 -26.23 -34.33 25.74
N THR G 210 -25.18 -34.36 26.57
CA THR G 210 -24.77 -33.15 27.27
C THR G 210 -24.28 -32.08 26.30
N VAL G 211 -23.51 -32.50 25.29
CA VAL G 211 -23.04 -31.53 24.29
C VAL G 211 -24.22 -30.87 23.59
N LEU G 212 -25.20 -31.68 23.17
CA LEU G 212 -26.37 -31.14 22.49
C LEU G 212 -27.15 -30.19 23.40
N ARG G 213 -27.39 -30.60 24.65
CA ARG G 213 -28.20 -29.76 25.52
C ARG G 213 -27.51 -28.43 25.81
N ASN G 214 -26.21 -28.44 26.07
CA ASN G 214 -25.49 -27.19 26.30
C ASN G 214 -25.46 -26.30 25.07
N MET G 215 -25.18 -26.87 23.89
CA MET G 215 -25.07 -26.05 22.69
C MET G 215 -26.42 -25.48 22.30
N LEU G 216 -27.50 -26.25 22.47
CA LEU G 216 -28.84 -25.71 22.25
C LEU G 216 -29.19 -24.66 23.30
N SER G 217 -28.69 -24.82 24.51
CA SER G 217 -29.10 -23.93 25.60
C SER G 217 -28.47 -22.56 25.47
N LYS G 218 -27.14 -22.49 25.41
CA LYS G 218 -26.52 -21.19 25.66
C LYS G 218 -26.38 -20.36 24.38
N TRP G 219 -26.31 -21.00 23.22
CA TRP G 219 -26.46 -20.30 21.95
C TRP G 219 -27.85 -20.41 21.33
N GLY G 220 -28.48 -21.57 21.35
CA GLY G 220 -29.64 -21.80 20.51
C GLY G 220 -30.83 -20.93 20.89
N ILE G 221 -31.59 -20.54 19.87
CA ILE G 221 -32.80 -19.74 20.06
C ILE G 221 -33.97 -20.69 20.31
N LEU G 222 -34.87 -20.29 21.20
CA LEU G 222 -36.02 -21.09 21.57
C LEU G 222 -37.30 -20.32 21.32
N SER G 223 -38.35 -21.04 20.93
CA SER G 223 -39.66 -20.45 20.68
C SER G 223 -40.73 -21.32 21.29
N ILE G 224 -41.86 -20.70 21.62
CA ILE G 224 -42.99 -21.42 22.22
C ILE G 224 -44.21 -21.32 21.32
N TYR H 113 -41.34 -51.71 14.48
CA TYR H 113 -41.00 -50.57 13.65
C TYR H 113 -42.25 -50.00 12.98
N LYS H 114 -43.17 -50.91 12.62
CA LYS H 114 -44.39 -50.49 11.93
C LYS H 114 -45.15 -49.43 12.73
N GLY H 115 -45.06 -49.49 14.06
CA GLY H 115 -45.61 -48.41 14.86
C GLY H 115 -44.90 -47.08 14.62
N TYR H 116 -43.58 -47.13 14.45
CA TYR H 116 -42.83 -45.91 14.16
C TYR H 116 -43.23 -45.33 12.81
N ILE H 117 -43.38 -46.18 11.79
CA ILE H 117 -43.84 -45.68 10.49
C ILE H 117 -45.26 -45.15 10.60
N GLN H 118 -46.12 -45.81 11.39
CA GLN H 118 -47.47 -45.32 11.57
C GLN H 118 -47.49 -43.94 12.20
N LEU H 119 -46.67 -43.73 13.24
CA LEU H 119 -46.58 -42.43 13.87
C LEU H 119 -46.01 -41.38 12.92
N ALA H 120 -45.03 -41.78 12.11
CA ALA H 120 -44.46 -40.84 11.14
C ALA H 120 -45.49 -40.40 10.12
N LEU H 121 -46.29 -41.33 9.61
CA LEU H 121 -47.35 -40.98 8.67
C LEU H 121 -48.41 -40.11 9.34
N ARG H 122 -48.78 -40.44 10.58
CA ARG H 122 -49.77 -39.63 11.29
C ARG H 122 -49.25 -38.25 11.64
N THR H 123 -47.93 -38.07 11.67
CA THR H 123 -47.37 -36.75 11.96
C THR H 123 -47.75 -35.75 10.87
N GLY H 124 -47.53 -36.13 9.61
CA GLY H 124 -47.95 -35.31 8.48
C GLY H 124 -47.21 -34.01 8.28
N GLN H 125 -45.91 -33.98 8.55
CA GLN H 125 -45.08 -32.82 8.21
C GLN H 125 -43.82 -33.21 7.46
N TYR H 126 -43.72 -34.44 6.95
CA TYR H 126 -42.55 -34.84 6.18
C TYR H 126 -42.83 -34.70 4.69
N LYS H 127 -41.76 -34.64 3.91
CA LYS H 127 -41.87 -34.48 2.46
C LYS H 127 -41.41 -35.71 1.68
N SER H 128 -40.22 -36.24 1.98
CA SER H 128 -39.72 -37.40 1.27
C SER H 128 -38.77 -38.19 2.17
N ILE H 129 -38.78 -39.50 2.00
CA ILE H 129 -37.89 -40.41 2.72
C ILE H 129 -37.48 -41.53 1.79
N ASN H 130 -36.22 -41.93 1.86
CA ASN H 130 -35.72 -43.00 1.00
C ASN H 130 -34.54 -43.67 1.68
N VAL H 131 -34.46 -44.99 1.52
CA VAL H 131 -33.32 -45.78 1.97
C VAL H 131 -32.91 -46.72 0.86
N ILE H 132 -31.62 -46.75 0.54
CA ILE H 132 -31.09 -47.55 -0.54
C ILE H 132 -29.80 -48.22 -0.09
N GLU H 133 -29.27 -49.08 -0.94
CA GLU H 133 -27.99 -49.75 -0.71
C GLU H 133 -27.01 -49.34 -1.79
N VAL H 134 -25.78 -49.02 -1.38
CA VAL H 134 -24.71 -48.65 -2.29
C VAL H 134 -23.78 -49.85 -2.45
N ARG H 135 -23.56 -50.25 -3.69
CA ARG H 135 -22.80 -51.44 -4.02
C ARG H 135 -21.40 -51.02 -4.51
N GLU H 136 -20.48 -51.99 -4.52
CA GLU H 136 -19.07 -51.70 -4.75
C GLU H 136 -18.86 -50.91 -6.04
N GLY H 137 -18.04 -49.87 -5.96
CA GLY H 137 -17.71 -49.04 -7.12
C GLY H 137 -18.88 -48.27 -7.68
N GLU H 138 -19.67 -47.64 -6.80
CA GLU H 138 -20.84 -46.89 -7.23
C GLU H 138 -20.72 -45.40 -6.92
N LEU H 139 -20.47 -45.05 -5.66
CA LEU H 139 -20.29 -43.65 -5.27
C LEU H 139 -18.87 -43.18 -5.57
N LEU H 140 -18.65 -41.87 -5.45
CA LEU H 140 -17.32 -41.30 -5.69
C LEU H 140 -16.59 -41.00 -4.38
N LYS H 141 -17.18 -40.19 -3.52
CA LYS H 141 -16.56 -39.83 -2.25
C LYS H 141 -17.64 -39.31 -1.30
N TRP H 142 -17.50 -39.65 -0.02
CA TRP H 142 -18.45 -39.25 1.01
C TRP H 142 -17.72 -38.47 2.09
N ASN H 143 -18.38 -37.40 2.57
CA ASN H 143 -17.87 -36.59 3.66
C ASN H 143 -18.69 -36.81 4.92
N ARG H 144 -18.01 -37.11 6.02
CA ARG H 144 -18.67 -37.35 7.30
C ARG H 144 -18.89 -36.07 8.10
N LEU H 145 -18.37 -34.94 7.63
CA LEU H 145 -18.53 -33.67 8.33
C LEU H 145 -19.63 -32.81 7.71
N THR H 146 -19.53 -32.51 6.42
CA THR H 146 -20.50 -31.69 5.73
C THR H 146 -21.59 -32.49 5.03
N GLU H 147 -21.58 -33.82 5.18
CA GLU H 147 -22.57 -34.70 4.55
C GLU H 147 -22.59 -34.52 3.03
N GLU H 148 -21.40 -34.44 2.45
CA GLU H 148 -21.26 -34.28 1.00
C GLU H 148 -21.07 -35.66 0.37
N ILE H 149 -22.00 -36.03 -0.51
CA ILE H 149 -21.97 -37.33 -1.17
C ILE H 149 -22.33 -37.14 -2.64
N GLU H 150 -21.61 -37.83 -3.51
CA GLU H 150 -21.91 -37.83 -4.93
C GLU H 150 -21.78 -39.24 -5.47
N LEU H 151 -22.68 -39.60 -6.38
CA LEU H 151 -22.79 -40.98 -6.86
C LEU H 151 -23.00 -40.96 -8.36
N ASP H 152 -22.34 -41.89 -9.06
CA ASP H 152 -22.49 -42.06 -10.50
C ASP H 152 -23.16 -43.40 -10.77
N LEU H 153 -24.25 -43.37 -11.53
CA LEU H 153 -25.03 -44.57 -11.80
C LEU H 153 -24.46 -45.30 -13.01
N ASP H 154 -25.01 -46.50 -13.26
CA ASP H 154 -24.67 -47.43 -14.34
C ASP H 154 -23.20 -47.43 -14.73
N ASN H 155 -22.32 -47.46 -13.73
CA ASN H 155 -20.88 -47.63 -13.97
C ASN H 155 -20.34 -48.48 -12.82
N ASN H 156 -20.30 -49.79 -13.03
CA ASN H 156 -20.00 -50.73 -11.97
C ASN H 156 -19.71 -52.10 -12.58
N THR H 157 -18.99 -52.93 -11.82
CA THR H 157 -18.51 -54.21 -12.31
C THR H 157 -18.86 -55.38 -11.40
N SER H 158 -18.99 -55.14 -10.09
CA SER H 158 -19.20 -56.22 -9.13
C SER H 158 -20.70 -56.43 -8.89
N GLU H 159 -21.02 -57.41 -8.03
CA GLU H 159 -22.39 -57.74 -7.70
C GLU H 159 -22.57 -57.93 -6.20
N LYS H 160 -21.66 -57.38 -5.40
CA LYS H 160 -21.70 -57.50 -3.95
C LYS H 160 -21.83 -56.11 -3.34
N VAL H 161 -22.87 -55.93 -2.52
CA VAL H 161 -23.12 -54.62 -1.90
C VAL H 161 -22.05 -54.35 -0.84
N VAL H 162 -21.80 -53.06 -0.59
CA VAL H 162 -20.79 -52.66 0.38
C VAL H 162 -21.32 -51.75 1.47
N GLY H 163 -22.44 -51.04 1.27
CA GLY H 163 -22.93 -50.16 2.32
C GLY H 163 -24.38 -49.81 2.09
N TYR H 164 -24.93 -49.05 3.02
CA TYR H 164 -26.32 -48.61 2.97
C TYR H 164 -26.38 -47.10 3.20
N CYS H 165 -27.39 -46.46 2.62
CA CYS H 165 -27.56 -45.02 2.72
C CYS H 165 -29.03 -44.67 2.85
N GLY H 166 -29.28 -43.48 3.38
CA GLY H 166 -30.64 -43.01 3.59
C GLY H 166 -30.70 -41.50 3.52
N TYR H 167 -31.74 -41.00 2.86
CA TYR H 167 -31.98 -39.58 2.67
C TYR H 167 -33.39 -39.24 3.13
N PHE H 168 -33.51 -38.24 4.01
CA PHE H 168 -34.81 -37.86 4.55
C PHE H 168 -34.92 -36.34 4.55
N GLN H 169 -35.93 -35.82 3.85
CA GLN H 169 -36.11 -34.38 3.70
C GLN H 169 -37.53 -33.99 4.10
N LEU H 170 -37.65 -32.87 4.82
CA LEU H 170 -38.92 -32.40 5.34
C LEU H 170 -39.54 -31.38 4.39
N ILE H 171 -40.76 -30.95 4.74
CA ILE H 171 -41.48 -29.96 3.95
C ILE H 171 -40.92 -28.56 4.11
N ASN H 172 -40.13 -28.31 5.14
CA ASN H 172 -39.55 -26.99 5.39
C ASN H 172 -38.17 -26.81 4.77
N GLY H 173 -37.69 -27.79 4.01
CA GLY H 173 -36.39 -27.70 3.37
C GLY H 173 -35.26 -28.40 4.09
N PHE H 174 -35.47 -28.82 5.33
CA PHE H 174 -34.43 -29.51 6.07
C PHE H 174 -34.23 -30.91 5.52
N GLU H 175 -32.96 -31.31 5.35
CA GLU H 175 -32.62 -32.62 4.81
C GLU H 175 -31.54 -33.25 5.68
N LYS H 176 -31.49 -34.58 5.64
CA LYS H 176 -30.52 -35.34 6.43
C LYS H 176 -30.10 -36.58 5.65
N THR H 177 -28.80 -36.88 5.71
CA THR H 177 -28.22 -38.04 5.05
C THR H 177 -27.50 -38.91 6.07
N VAL H 178 -27.68 -40.22 5.94
CA VAL H 178 -27.00 -41.19 6.81
C VAL H 178 -26.40 -42.28 5.94
N TYR H 179 -25.17 -42.68 6.27
CA TYR H 179 -24.50 -43.72 5.50
C TYR H 179 -23.77 -44.65 6.45
N TRP H 180 -23.95 -45.96 6.25
CA TRP H 180 -23.34 -46.97 7.10
C TRP H 180 -22.66 -48.03 6.24
N THR H 181 -21.68 -48.70 6.84
CA THR H 181 -20.93 -49.77 6.19
C THR H 181 -21.15 -51.08 6.95
N ARG H 182 -20.39 -52.11 6.56
CA ARG H 182 -20.57 -53.42 7.16
C ARG H 182 -19.98 -53.52 8.56
N LYS H 183 -18.95 -52.72 8.86
CA LYS H 183 -18.29 -52.83 10.17
C LYS H 183 -19.23 -52.44 11.30
N GLU H 184 -19.94 -51.32 11.15
CA GLU H 184 -20.85 -50.88 12.19
C GLU H 184 -22.00 -51.87 12.37
N ILE H 185 -22.54 -52.40 11.26
CA ILE H 185 -23.68 -53.31 11.38
C ILE H 185 -23.25 -54.63 12.01
N GLU H 186 -22.04 -55.11 11.71
CA GLU H 186 -21.59 -56.35 12.34
C GLU H 186 -21.28 -56.13 13.82
N ALA H 187 -20.73 -54.97 14.17
CA ALA H 187 -20.56 -54.66 15.58
C ALA H 187 -21.90 -54.61 16.30
N HIS H 188 -22.90 -53.99 15.67
CA HIS H 188 -24.22 -53.88 16.28
C HIS H 188 -24.87 -55.25 16.45
N LYS H 189 -24.76 -56.12 15.44
CA LYS H 189 -25.35 -57.46 15.59
C LYS H 189 -24.61 -58.28 16.62
N GLN H 190 -23.31 -58.07 16.80
CA GLN H 190 -22.57 -58.87 17.77
C GLN H 190 -22.68 -58.33 19.18
N LYS H 191 -23.09 -57.07 19.38
CA LYS H 191 -23.23 -56.58 20.75
C LYS H 191 -24.68 -56.43 21.21
N PHE H 192 -25.64 -56.31 20.28
CA PHE H 192 -27.03 -56.08 20.65
C PHE H 192 -27.95 -57.21 20.24
N SER H 193 -27.84 -57.71 19.02
CA SER H 193 -28.75 -58.73 18.53
C SER H 193 -28.56 -60.05 19.29
N LYS H 194 -29.66 -60.75 19.49
CA LYS H 194 -29.64 -62.04 20.19
C LYS H 194 -30.31 -63.14 19.39
N SER H 195 -30.66 -62.90 18.13
CA SER H 195 -31.31 -63.88 17.29
C SER H 195 -30.54 -64.04 15.99
N ASP H 196 -30.57 -65.26 15.44
CA ASP H 196 -29.81 -65.56 14.24
C ASP H 196 -30.58 -66.39 13.22
N PHE H 197 -31.85 -66.73 13.47
CA PHE H 197 -32.58 -67.59 12.54
C PHE H 197 -32.84 -66.88 11.22
N GLY H 198 -33.12 -65.58 11.25
CA GLY H 198 -33.42 -64.85 10.04
C GLY H 198 -32.20 -64.37 9.28
N TRP H 199 -31.02 -64.40 9.90
CA TRP H 199 -29.81 -63.90 9.25
C TRP H 199 -29.39 -64.81 8.10
N LYS H 200 -29.66 -66.11 8.20
CA LYS H 200 -29.28 -67.01 7.12
C LYS H 200 -30.23 -66.92 5.94
N LYS H 201 -31.51 -66.64 6.19
CA LYS H 201 -32.47 -66.55 5.09
C LYS H 201 -32.20 -65.32 4.21
N ASP H 202 -31.95 -64.17 4.83
CA ASP H 202 -31.63 -62.96 4.10
C ASP H 202 -30.63 -62.16 4.93
N TYR H 203 -29.93 -61.24 4.26
CA TYR H 203 -28.86 -60.48 4.88
C TYR H 203 -29.13 -58.99 4.99
N ASP H 204 -30.01 -58.44 4.17
CA ASP H 204 -30.18 -56.99 4.08
C ASP H 204 -31.44 -56.45 4.73
N ALA H 205 -32.54 -57.22 4.73
CA ALA H 205 -33.83 -56.66 5.14
C ALA H 205 -33.81 -56.20 6.59
N MET H 206 -33.26 -57.04 7.48
CA MET H 206 -33.20 -56.65 8.89
C MET H 206 -32.21 -55.52 9.12
N ALA H 207 -31.14 -55.45 8.33
CA ALA H 207 -30.25 -54.29 8.42
C ALA H 207 -31.01 -53.01 8.06
N LYS H 208 -31.82 -53.07 7.01
CA LYS H 208 -32.61 -51.90 6.61
C LYS H 208 -33.59 -51.52 7.70
N LYS H 209 -34.26 -52.51 8.30
CA LYS H 209 -35.26 -52.19 9.33
C LYS H 209 -34.59 -51.57 10.55
N THR H 210 -33.39 -52.05 10.92
CA THR H 210 -32.65 -51.42 12.01
C THR H 210 -32.26 -49.99 11.66
N VAL H 211 -31.82 -49.76 10.43
CA VAL H 211 -31.46 -48.40 10.02
C VAL H 211 -32.67 -47.47 10.14
N LEU H 212 -33.82 -47.92 9.64
CA LEU H 212 -35.03 -47.12 9.71
C LEU H 212 -35.43 -46.85 11.15
N ARG H 213 -35.42 -47.87 12.01
CA ARG H 213 -35.88 -47.67 13.38
C ARG H 213 -34.95 -46.71 14.12
N ASN H 214 -33.63 -46.85 13.96
CA ASN H 214 -32.72 -45.93 14.62
C ASN H 214 -32.84 -44.50 14.10
N MET H 215 -32.94 -44.32 12.78
CA MET H 215 -33.00 -42.97 12.23
C MET H 215 -34.31 -42.30 12.59
N LEU H 216 -35.42 -43.05 12.62
CA LEU H 216 -36.68 -42.49 13.10
C LEU H 216 -36.61 -42.20 14.59
N SER H 217 -35.86 -43.01 15.35
CA SER H 217 -35.88 -42.87 16.80
C SER H 217 -35.10 -41.64 17.26
N LYS H 218 -33.82 -41.53 16.88
CA LYS H 218 -32.99 -40.59 17.60
C LYS H 218 -33.03 -39.19 16.98
N TRP H 219 -33.34 -39.08 15.69
CA TRP H 219 -33.69 -37.79 15.08
C TRP H 219 -35.18 -37.55 14.92
N GLY H 220 -35.94 -38.54 14.49
CA GLY H 220 -37.30 -38.29 14.02
C GLY H 220 -38.23 -37.78 15.12
N ILE H 221 -39.13 -36.90 14.73
CA ILE H 221 -40.14 -36.36 15.64
C ILE H 221 -41.34 -37.31 15.66
N LEU H 222 -41.94 -37.46 16.83
CA LEU H 222 -43.07 -38.36 17.02
C LEU H 222 -44.26 -37.58 17.59
N SER H 223 -45.45 -37.99 17.19
CA SER H 223 -46.68 -37.36 17.66
C SER H 223 -47.70 -38.45 17.99
N ILE H 224 -48.62 -38.12 18.89
CA ILE H 224 -49.65 -39.06 19.30
C ILE H 224 -51.03 -38.50 18.97
#